data_9HMB
#
_entry.id   9HMB
#
_cell.length_a   209.450
_cell.length_b   209.450
_cell.length_c   143.960
_cell.angle_alpha   90.00
_cell.angle_beta   90.00
_cell.angle_gamma   120.00
#
_symmetry.space_group_name_H-M   'P 65 2 2'
#
loop_
_entity.id
_entity.type
_entity.pdbx_description
1 polymer 'DUF5703 domain-containing protein'
2 non-polymer GLYCEROL
3 water water
#
_entity_poly.entity_id   1
_entity_poly.type   'polypeptide(L)'
_entity_poly.pdbx_seq_one_letter_code
;SGAYDVTWDSVAWKNSAAKPWLGSMPLGNGDLGLNVWVEENGDLVFLIGKTDAWSENGELLKLGRVRLHLAASPLVAKSF
RQVLKPEEGAVEVYSPADAPRPLYRVWVDANHPVAHVEVRTASGKATGAQADLELWRNEPREVRRVKGRERDNVEFNDGF
RELRDTPGSLVTVDPDTVLPAKPGGDRIAWCHHNGRSLYPALLANQHLESLLPKYPDPLLNRTFGAVLEGPGFVASGDRT
LKLMKESAAFRLDLYALATTAPDVEAWADDAGVLADTLSGLDIEAARLAHRNWWRAFWGRSWIVVDGNDLPGGDPTDGEM
ARAVTQSYAMQRWMTAGSGRSVAAMPIPFNGAIFTVGKETPKEKYDPAKGDTGNPDFRTGGGNIPFQNTRHIYWPMLASG
DYDLMRPFFRRYRENLALLTERTRLYDKHAGAAFPETGFFWGLPNDADFGIGNKEAVLQNLAIRYEIQGGLELTAMMLDY
YDATQDTDFLVNTLLPLADGVAAYYDQHWQRGGDGKIVFSPAQSLTTYQSPSGKDVVNPLPDIAGLMAVLPRLIALPPGT
ATAAQRTAWKKTLADLPPLPRGKTGTGRNNTPDKVPIPSTTQKDDGAPILLPAQVYGTEKNVENPEEYAIFPYRLFGVGL
PEIDLGLNTFRARNFTDSTGWAWDGIVAACLGLSDDAKREAIRNFAEDRNPDTGHGPNYPGLSAFSREARFKWFWKPGPS
SGPGNGTEPALDNGGVGQSILQSMLLQQRGEKIVLFPAWPKEWNVSFKLHAARNTTVEGVLKNGKLERLTVTPPERRGDV
IVREAQ
;
_entity_poly.pdbx_strand_id   A
#
# COMPACT_ATOMS: atom_id res chain seq x y z
N SER A 1 25.28 -8.03 -6.45
CA SER A 1 25.09 -6.72 -5.86
C SER A 1 25.04 -5.62 -6.96
N GLY A 2 24.25 -4.58 -6.68
CA GLY A 2 23.93 -3.58 -7.67
C GLY A 2 22.75 -3.95 -8.55
N ALA A 3 22.21 -5.15 -8.39
CA ALA A 3 21.24 -5.67 -9.37
C ALA A 3 20.01 -4.77 -9.49
N TYR A 4 19.64 -4.06 -8.44
CA TYR A 4 18.45 -3.21 -8.44
C TYR A 4 18.78 -1.71 -8.41
N ASP A 5 20.04 -1.34 -8.58
CA ASP A 5 20.39 0.08 -8.47
C ASP A 5 19.69 0.88 -9.56
N VAL A 6 19.37 2.14 -9.24
CA VAL A 6 18.83 3.07 -10.24
C VAL A 6 19.83 4.20 -10.38
N THR A 7 20.35 4.42 -11.60
CA THR A 7 21.39 5.40 -11.84
C THR A 7 20.92 6.46 -12.82
N TRP A 8 21.04 7.72 -12.42
CA TRP A 8 20.77 8.88 -13.26
C TRP A 8 22.10 9.59 -13.56
N ASP A 9 22.26 10.02 -14.80
CA ASP A 9 23.51 10.57 -15.30
C ASP A 9 23.48 12.08 -15.45
N SER A 10 22.47 12.74 -14.89
CA SER A 10 22.35 14.19 -15.06
C SER A 10 21.41 14.71 -13.99
N VAL A 11 21.59 15.98 -13.62
CA VAL A 11 20.61 16.68 -12.83
C VAL A 11 19.42 17.07 -13.70
N ALA A 12 19.67 17.41 -14.95
CA ALA A 12 18.62 17.86 -15.86
C ALA A 12 17.84 16.69 -16.44
N TRP A 13 16.55 16.89 -16.61
CA TRP A 13 15.62 15.91 -17.21
C TRP A 13 14.34 16.70 -17.50
N LYS A 14 13.31 15.99 -17.96
CA LYS A 14 12.14 16.64 -18.56
C LYS A 14 11.53 17.69 -17.64
N ASN A 15 11.42 17.42 -16.34
CA ASN A 15 10.76 18.38 -15.45
C ASN A 15 11.71 19.04 -14.46
N SER A 16 13.02 18.94 -14.66
CA SER A 16 13.96 19.45 -13.66
C SER A 16 13.86 20.95 -13.49
N ALA A 17 13.67 21.69 -14.59
CA ALA A 17 13.76 23.14 -14.53
C ALA A 17 12.60 23.75 -13.73
N ALA A 18 11.38 23.28 -13.98
CA ALA A 18 10.21 23.88 -13.36
C ALA A 18 9.59 23.07 -12.23
N LYS A 19 9.84 21.77 -12.15
CA LYS A 19 9.21 20.92 -11.14
C LYS A 19 10.20 19.87 -10.65
N PRO A 20 11.32 20.30 -10.07
CA PRO A 20 12.37 19.33 -9.71
C PRO A 20 11.92 18.33 -8.66
N TRP A 21 10.90 18.67 -7.87
CA TRP A 21 10.40 17.74 -6.84
C TRP A 21 9.77 16.50 -7.46
N LEU A 22 9.43 16.55 -8.74
CA LEU A 22 8.98 15.36 -9.46
C LEU A 22 10.14 14.44 -9.84
N GLY A 23 11.37 14.82 -9.54
CA GLY A 23 12.54 14.01 -9.84
C GLY A 23 13.20 13.38 -8.63
N SER A 24 12.40 13.10 -7.61
CA SER A 24 12.94 12.57 -6.37
C SER A 24 13.15 11.06 -6.43
N MET A 25 13.96 10.57 -5.48
CA MET A 25 14.07 9.16 -5.17
C MET A 25 13.49 8.93 -3.78
N PRO A 26 12.74 7.86 -3.58
CA PRO A 26 12.22 7.53 -2.25
C PRO A 26 13.21 6.70 -1.45
N LEU A 27 13.16 6.88 -0.14
CA LEU A 27 13.87 5.97 0.75
C LEU A 27 13.27 6.05 2.14
N GLY A 28 13.19 4.91 2.82
CA GLY A 28 12.63 4.89 4.17
C GLY A 28 13.19 3.77 5.03
N ASN A 29 12.86 3.84 6.32
CA ASN A 29 13.21 2.80 7.28
C ASN A 29 11.96 2.10 7.81
N GLY A 30 10.84 2.25 7.14
CA GLY A 30 9.59 1.63 7.49
C GLY A 30 8.65 2.56 8.22
N ASP A 31 9.17 3.62 8.81
CA ASP A 31 8.34 4.58 9.51
C ASP A 31 8.65 6.02 9.11
N LEU A 32 9.92 6.34 8.96
CA LEU A 32 10.39 7.63 8.47
C LEU A 32 10.87 7.48 7.04
N GLY A 33 10.44 8.40 6.18
CA GLY A 33 10.80 8.35 4.78
C GLY A 33 11.17 9.72 4.25
N LEU A 34 11.91 9.69 3.15
CA LEU A 34 12.34 10.88 2.46
C LEU A 34 12.03 10.71 0.98
N ASN A 35 11.76 11.84 0.34
CA ASN A 35 11.86 11.99 -1.11
C ASN A 35 12.97 13.00 -1.36
N VAL A 36 14.08 12.57 -1.98
CA VAL A 36 15.27 13.40 -2.08
C VAL A 36 15.61 13.68 -3.54
N TRP A 37 16.06 14.90 -3.80
CA TRP A 37 16.50 15.25 -5.14
C TRP A 37 17.59 16.30 -5.09
N VAL A 38 18.21 16.52 -6.26
CA VAL A 38 19.25 17.52 -6.47
C VAL A 38 18.74 18.47 -7.54
N GLU A 39 18.82 19.76 -7.26
CA GLU A 39 18.30 20.75 -8.19
C GLU A 39 19.43 21.26 -9.07
N GLU A 40 19.03 21.90 -10.17
CA GLU A 40 20.01 22.36 -11.17
C GLU A 40 21.05 23.27 -10.58
N ASN A 41 20.77 23.94 -9.48
CA ASN A 41 21.74 24.78 -8.82
C ASN A 41 22.68 23.99 -7.91
N GLY A 42 22.46 22.69 -7.74
CA GLY A 42 23.31 21.85 -6.89
C GLY A 42 22.80 21.63 -5.48
N ASP A 43 21.72 22.31 -5.10
CA ASP A 43 21.14 22.10 -3.79
C ASP A 43 20.63 20.67 -3.65
N LEU A 44 20.74 20.12 -2.44
CA LEU A 44 20.07 18.87 -2.08
C LEU A 44 18.79 19.23 -1.34
N VAL A 45 17.65 18.70 -1.79
CA VAL A 45 16.36 19.01 -1.20
C VAL A 45 15.66 17.72 -0.85
N PHE A 46 14.97 17.69 0.29
CA PHE A 46 14.15 16.51 0.53
C PHE A 46 12.89 16.84 1.31
N LEU A 47 11.81 16.15 0.93
CA LEU A 47 10.57 16.10 1.67
C LEU A 47 10.63 14.95 2.65
N ILE A 48 9.95 15.11 3.79
CA ILE A 48 10.01 14.17 4.90
C ILE A 48 8.62 13.60 5.16
N GLY A 49 8.48 12.28 5.08
CA GLY A 49 7.24 11.60 5.40
C GLY A 49 7.33 10.73 6.65
N LYS A 50 6.17 10.47 7.27
CA LYS A 50 6.09 9.62 8.45
C LYS A 50 4.73 8.94 8.48
N THR A 51 4.71 7.67 8.91
CA THR A 51 3.50 6.88 8.70
C THR A 51 2.35 7.34 9.58
N ASP A 52 2.63 8.04 10.69
CA ASP A 52 1.60 8.35 11.69
C ASP A 52 1.42 9.83 11.93
N ALA A 53 1.77 10.65 10.95
CA ALA A 53 1.64 12.11 11.04
C ALA A 53 0.23 12.56 10.68
N TRP A 54 -0.73 12.14 11.49
CA TRP A 54 -2.14 12.41 11.25
C TRP A 54 -2.55 13.73 11.89
N SER A 55 -3.08 14.63 11.08
CA SER A 55 -3.50 15.94 11.54
C SER A 55 -4.87 15.89 12.20
N GLU A 56 -5.28 17.05 12.72
CA GLU A 56 -6.59 17.25 13.31
C GLU A 56 -7.71 16.90 12.34
N ASN A 57 -7.42 16.91 11.04
CA ASN A 57 -8.39 16.57 10.01
C ASN A 57 -8.30 15.12 9.57
N GLY A 58 -7.50 14.29 10.23
CA GLY A 58 -7.22 12.98 9.68
C GLY A 58 -6.40 12.99 8.42
N GLU A 59 -5.69 14.08 8.13
CA GLU A 59 -4.86 14.15 6.93
C GLU A 59 -3.45 13.68 7.26
N LEU A 60 -2.89 12.83 6.41
CA LEU A 60 -1.53 12.37 6.59
C LEU A 60 -0.60 13.45 6.07
N LEU A 61 0.17 14.06 6.97
CA LEU A 61 1.00 15.21 6.65
C LEU A 61 2.45 14.85 6.40
N LYS A 62 3.10 15.61 5.52
CA LYS A 62 4.55 15.63 5.49
C LYS A 62 5.05 16.32 6.76
N LEU A 63 6.19 15.87 7.28
CA LEU A 63 6.76 16.58 8.41
C LEU A 63 7.37 17.91 7.98
N GLY A 64 7.77 18.03 6.71
CA GLY A 64 8.37 19.26 6.22
C GLY A 64 9.31 18.99 5.06
N ARG A 65 10.11 20.01 4.75
CA ARG A 65 11.06 19.96 3.64
C ARG A 65 12.34 20.63 4.11
N VAL A 66 13.48 20.12 3.66
CA VAL A 66 14.79 20.67 4.04
C VAL A 66 15.58 20.90 2.76
N ARG A 67 16.28 22.05 2.70
CA ARG A 67 17.13 22.42 1.57
C ARG A 67 18.55 22.63 2.08
N LEU A 68 19.50 21.91 1.49
CA LEU A 68 20.90 22.06 1.80
C LEU A 68 21.56 22.77 0.62
N HIS A 69 22.22 23.90 0.92
CA HIS A 69 22.85 24.78 -0.06
C HIS A 69 24.30 24.99 0.35
N LEU A 70 25.21 24.45 -0.44
CA LEU A 70 26.63 24.73 -0.25
C LEU A 70 26.95 26.13 -0.79
N ALA A 71 27.93 26.77 -0.15
CA ALA A 71 28.22 28.15 -0.53
C ALA A 71 28.64 28.22 -1.99
N ALA A 72 29.44 27.26 -2.41
CA ALA A 72 29.91 27.12 -3.78
C ALA A 72 29.27 25.88 -4.42
N SER A 73 28.60 26.06 -5.55
CA SER A 73 27.94 24.93 -6.19
C SER A 73 28.93 23.77 -6.33
N PRO A 74 28.57 22.57 -5.88
CA PRO A 74 29.51 21.44 -5.91
C PRO A 74 29.52 20.66 -7.21
N LEU A 75 28.65 20.99 -8.15
CA LEU A 75 28.55 20.26 -9.41
C LEU A 75 29.65 20.74 -10.37
N VAL A 76 29.99 19.84 -11.30
CA VAL A 76 30.99 20.12 -12.34
C VAL A 76 30.37 19.84 -13.71
N ALA A 77 30.95 20.47 -14.73
CA ALA A 77 30.51 20.27 -16.11
C ALA A 77 30.77 18.84 -16.58
N LYS A 78 31.83 18.20 -16.07
CA LYS A 78 32.32 16.95 -16.65
C LYS A 78 31.25 15.86 -16.60
N SER A 79 30.69 15.58 -15.43
CA SER A 79 29.75 14.48 -15.30
C SER A 79 29.01 14.57 -13.96
N PHE A 80 28.01 13.73 -13.81
CA PHE A 80 27.16 13.72 -12.64
C PHE A 80 26.53 12.34 -12.55
N ARG A 81 26.37 11.84 -11.33
CA ARG A 81 25.75 10.54 -11.14
C ARG A 81 24.95 10.53 -9.84
N GLN A 82 23.69 10.16 -9.91
CA GLN A 82 22.87 9.97 -8.73
C GLN A 82 22.34 8.54 -8.75
N VAL A 83 22.51 7.80 -7.66
CA VAL A 83 22.21 6.38 -7.67
C VAL A 83 21.46 5.98 -6.41
N LEU A 84 20.36 5.25 -6.61
CA LEU A 84 19.67 4.54 -5.54
C LEU A 84 20.31 3.17 -5.41
N LYS A 85 20.78 2.85 -4.20
CA LYS A 85 21.43 1.58 -3.87
C LYS A 85 20.57 0.88 -2.82
N PRO A 86 19.57 0.11 -3.25
CA PRO A 86 18.66 -0.52 -2.27
C PRO A 86 19.37 -1.49 -1.35
N GLU A 87 20.42 -2.19 -1.81
CA GLU A 87 21.05 -3.18 -0.96
C GLU A 87 21.93 -2.53 0.11
N GLU A 88 22.30 -1.27 -0.07
CA GLU A 88 22.96 -0.49 0.97
C GLU A 88 21.99 0.49 1.61
N GLY A 89 20.71 0.45 1.21
CA GLY A 89 19.72 1.37 1.71
C GLY A 89 20.14 2.82 1.65
N ALA A 90 20.57 3.30 0.48
CA ALA A 90 21.01 4.69 0.44
C ALA A 90 20.84 5.30 -0.94
N VAL A 91 20.85 6.64 -0.96
CA VAL A 91 20.95 7.40 -2.19
C VAL A 91 22.30 8.13 -2.16
N GLU A 92 23.05 8.04 -3.25
CA GLU A 92 24.36 8.69 -3.34
C GLU A 92 24.42 9.56 -4.58
N VAL A 93 25.11 10.69 -4.45
CA VAL A 93 25.33 11.65 -5.51
C VAL A 93 26.84 11.87 -5.64
N TYR A 94 27.35 11.70 -6.86
CA TYR A 94 28.75 11.83 -7.22
C TYR A 94 28.90 12.94 -8.26
N SER A 95 29.83 13.84 -8.03
CA SER A 95 30.18 14.79 -9.06
C SER A 95 31.63 15.21 -8.85
N PRO A 96 32.54 14.87 -9.78
CA PRO A 96 32.23 14.10 -11.01
C PRO A 96 31.67 12.70 -10.72
N ALA A 97 31.15 12.06 -11.76
CA ALA A 97 30.44 10.80 -11.60
C ALA A 97 31.38 9.66 -11.17
N ASP A 98 32.66 9.79 -11.49
CA ASP A 98 33.67 8.81 -11.11
C ASP A 98 34.40 9.17 -9.84
N ALA A 99 33.91 10.16 -9.09
CA ALA A 99 34.57 10.53 -7.84
C ALA A 99 34.61 9.31 -6.92
N PRO A 100 35.70 9.13 -6.16
CA PRO A 100 35.78 7.95 -5.28
C PRO A 100 34.71 7.91 -4.20
N ARG A 101 34.38 9.05 -3.61
CA ARG A 101 33.42 9.14 -2.53
C ARG A 101 32.30 10.10 -2.92
N PRO A 102 31.08 9.84 -2.46
CA PRO A 102 29.95 10.66 -2.92
C PRO A 102 29.97 12.06 -2.34
N LEU A 103 29.56 13.02 -3.18
CA LEU A 103 29.25 14.34 -2.70
C LEU A 103 28.16 14.29 -1.65
N TYR A 104 27.05 13.62 -1.95
CA TYR A 104 25.95 13.50 -0.99
C TYR A 104 25.66 12.02 -0.76
N ARG A 105 25.54 11.62 0.51
CA ARG A 105 25.11 10.28 0.86
C ARG A 105 23.94 10.42 1.82
N VAL A 106 22.79 9.84 1.46
CA VAL A 106 21.55 10.06 2.19
C VAL A 106 20.99 8.70 2.58
N TRP A 107 20.68 8.52 3.87
CA TRP A 107 20.11 7.25 4.29
C TRP A 107 19.23 7.44 5.51
N VAL A 108 18.21 6.59 5.63
CA VAL A 108 17.35 6.55 6.80
C VAL A 108 17.68 5.28 7.57
N ASP A 109 18.20 5.44 8.80
CA ASP A 109 18.71 4.30 9.53
C ASP A 109 17.65 3.21 9.65
N ALA A 110 17.99 2.01 9.17
CA ALA A 110 17.03 0.89 9.27
C ALA A 110 16.62 0.62 10.71
N ASN A 111 17.47 0.98 11.67
CA ASN A 111 17.29 0.55 13.05
C ASN A 111 16.97 1.67 14.03
N HIS A 112 16.90 2.93 13.56
CA HIS A 112 16.67 4.07 14.44
C HIS A 112 15.90 5.14 13.70
N PRO A 113 15.11 5.97 14.42
CA PRO A 113 14.33 7.04 13.77
C PRO A 113 15.18 8.26 13.40
N VAL A 114 16.18 8.04 12.56
CA VAL A 114 17.07 9.14 12.16
C VAL A 114 17.45 8.97 10.70
N ALA A 115 17.51 10.08 10.02
CA ALA A 115 18.07 10.14 8.67
C ALA A 115 19.35 10.97 8.70
N HIS A 116 20.26 10.63 7.80
CA HIS A 116 21.57 11.25 7.72
C HIS A 116 21.81 11.75 6.32
N VAL A 117 22.40 12.95 6.22
CA VAL A 117 22.90 13.52 4.99
C VAL A 117 24.37 13.79 5.19
N GLU A 118 25.23 13.04 4.52
CA GLU A 118 26.68 13.17 4.64
C GLU A 118 27.21 13.84 3.38
N VAL A 119 28.05 14.85 3.57
CA VAL A 119 28.57 15.67 2.49
C VAL A 119 30.08 15.54 2.46
N ARG A 120 30.64 15.38 1.27
CA ARG A 120 32.08 15.36 1.05
C ARG A 120 32.39 16.10 -0.24
N THR A 121 33.17 17.18 -0.17
CA THR A 121 33.56 17.87 -1.39
C THR A 121 34.56 17.02 -2.16
N ALA A 122 34.39 17.00 -3.49
CA ALA A 122 35.22 16.12 -4.31
C ALA A 122 36.66 16.57 -4.33
N SER A 123 36.90 17.88 -4.29
CA SER A 123 38.25 18.40 -4.29
C SER A 123 38.93 18.21 -2.93
N GLY A 124 38.17 17.93 -1.88
CA GLY A 124 38.70 18.05 -0.55
C GLY A 124 38.82 19.47 -0.06
N LYS A 125 38.35 20.44 -0.84
CA LYS A 125 38.40 21.84 -0.44
C LYS A 125 37.17 22.18 0.39
N ALA A 126 37.38 22.94 1.46
CA ALA A 126 36.31 23.26 2.40
C ALA A 126 35.30 24.22 1.77
N THR A 127 34.07 24.17 2.26
CA THR A 127 32.99 25.02 1.79
C THR A 127 32.11 25.41 2.98
N GLY A 128 31.50 26.59 2.88
CA GLY A 128 30.40 26.89 3.76
C GLY A 128 29.15 26.14 3.34
N ALA A 129 28.18 26.06 4.24
CA ALA A 129 26.94 25.39 3.92
C ALA A 129 25.82 25.90 4.82
N GLN A 130 24.61 25.87 4.26
CA GLN A 130 23.41 26.30 4.96
C GLN A 130 22.30 25.28 4.73
N ALA A 131 21.59 24.92 5.79
CA ALA A 131 20.41 24.07 5.70
C ALA A 131 19.20 24.86 6.14
N ASP A 132 18.19 24.91 5.30
CA ASP A 132 16.97 25.66 5.56
CA ASP A 132 16.97 25.66 5.59
C ASP A 132 15.79 24.71 5.76
N LEU A 133 15.07 24.89 6.87
CA LEU A 133 13.77 24.27 7.05
C LEU A 133 12.75 25.04 6.22
N GLU A 134 12.06 24.33 5.33
CA GLU A 134 11.03 24.88 4.45
C GLU A 134 9.71 24.24 4.85
N LEU A 135 8.93 24.98 5.63
CA LEU A 135 7.59 24.63 6.02
C LEU A 135 6.61 25.51 5.26
N TRP A 136 5.49 24.91 4.85
CA TRP A 136 4.45 25.64 4.14
C TRP A 136 3.22 25.85 5.00
N ARG A 137 3.07 25.11 6.09
CA ARG A 137 1.94 25.24 7.00
C ARG A 137 2.30 26.22 8.12
N ASN A 138 2.22 27.50 7.78
CA ASN A 138 2.65 28.55 8.70
C ASN A 138 1.51 29.39 9.25
N GLU A 139 0.40 29.47 8.55
CA GLU A 139 -0.84 30.06 9.00
C GLU A 139 -1.96 29.08 8.66
N PRO A 140 -3.09 29.19 9.35
CA PRO A 140 -4.24 28.33 8.99
C PRO A 140 -4.62 28.58 7.55
N ARG A 141 -4.92 27.49 6.82
CA ARG A 141 -5.26 27.59 5.41
C ARG A 141 -6.66 27.01 5.19
N GLU A 142 -7.53 27.81 4.59
CA GLU A 142 -8.91 27.39 4.35
C GLU A 142 -9.03 26.69 3.01
N VAL A 143 -9.81 25.61 2.99
CA VAL A 143 -10.15 24.85 1.79
C VAL A 143 -11.67 24.78 1.78
N ARG A 144 -12.30 25.46 0.84
CA ARG A 144 -13.73 25.68 0.89
C ARG A 144 -14.40 25.25 -0.40
N ARG A 145 -15.52 24.57 -0.28
CA ARG A 145 -16.33 24.20 -1.42
C ARG A 145 -17.50 25.17 -1.46
N VAL A 146 -17.55 25.99 -2.49
CA VAL A 146 -18.54 27.06 -2.60
C VAL A 146 -19.76 26.55 -3.32
N LYS A 147 -20.91 27.13 -2.95
CA LYS A 147 -22.21 26.59 -3.37
C LYS A 147 -22.32 26.47 -4.89
N GLY A 148 -21.78 27.42 -5.63
CA GLY A 148 -21.92 27.38 -7.08
C GLY A 148 -20.80 26.72 -7.84
N ARG A 149 -19.89 26.04 -7.14
CA ARG A 149 -18.64 25.64 -7.76
C ARG A 149 -18.11 24.36 -7.12
N GLU A 150 -19.01 23.42 -6.81
CA GLU A 150 -18.63 22.24 -6.05
C GLU A 150 -17.48 21.50 -6.70
N ARG A 151 -17.48 21.42 -8.02
CA ARG A 151 -16.46 20.65 -8.74
C ARG A 151 -15.11 21.36 -8.79
N ASP A 152 -15.06 22.65 -8.48
CA ASP A 152 -13.82 23.39 -8.66
C ASP A 152 -12.75 23.01 -7.63
N ASN A 153 -13.14 22.66 -6.41
CA ASN A 153 -12.15 22.41 -5.36
C ASN A 153 -11.86 20.92 -5.30
N VAL A 154 -10.89 20.51 -6.13
CA VAL A 154 -10.44 19.13 -6.14
C VAL A 154 -9.73 18.80 -4.84
N GLU A 155 -9.02 19.75 -4.24
CA GLU A 155 -8.39 19.47 -2.96
C GLU A 155 -9.43 19.07 -1.92
N PHE A 156 -10.50 19.85 -1.82
CA PHE A 156 -11.60 19.52 -0.93
C PHE A 156 -12.16 18.12 -1.25
N ASN A 157 -12.60 17.93 -2.50
CA ASN A 157 -13.39 16.75 -2.82
C ASN A 157 -12.57 15.46 -2.84
N ASP A 158 -11.32 15.52 -3.28
CA ASP A 158 -10.46 14.36 -3.36
C ASP A 158 -9.43 14.29 -2.23
N GLY A 159 -8.76 15.41 -1.91
CA GLY A 159 -7.78 15.39 -0.85
C GLY A 159 -8.40 15.27 0.53
N PHE A 160 -9.60 15.83 0.74
CA PHE A 160 -10.30 15.62 2.01
C PHE A 160 -11.61 14.87 1.77
N ARG A 161 -11.53 13.79 0.98
CA ARG A 161 -12.73 13.04 0.60
C ARG A 161 -13.56 12.67 1.82
N GLU A 162 -12.91 12.18 2.88
CA GLU A 162 -13.64 11.72 4.06
C GLU A 162 -14.39 12.85 4.74
N LEU A 163 -14.00 14.10 4.49
CA LEU A 163 -14.66 15.25 5.08
C LEU A 163 -15.58 15.97 4.12
N ARG A 164 -15.85 15.38 2.93
CA ARG A 164 -16.52 16.15 1.88
C ARG A 164 -17.89 16.66 2.32
N ASP A 165 -18.53 15.97 3.26
CA ASP A 165 -19.87 16.35 3.69
C ASP A 165 -19.87 17.15 4.99
N THR A 166 -18.72 17.67 5.41
CA THR A 166 -18.67 18.51 6.59
C THR A 166 -19.67 19.65 6.44
N PRO A 167 -20.57 19.86 7.41
CA PRO A 167 -21.46 21.02 7.35
C PRO A 167 -20.66 22.32 7.35
N GLY A 168 -21.06 23.24 6.48
CA GLY A 168 -20.30 24.44 6.24
C GLY A 168 -19.32 24.35 5.10
N SER A 169 -18.99 23.13 4.65
CA SER A 169 -18.15 22.92 3.48
C SER A 169 -16.81 23.64 3.62
N LEU A 170 -16.25 23.61 4.82
CA LEU A 170 -14.97 24.23 5.11
C LEU A 170 -14.06 23.23 5.82
N VAL A 171 -12.86 23.06 5.30
CA VAL A 171 -11.79 22.37 6.00
C VAL A 171 -10.70 23.39 6.25
N THR A 172 -10.19 23.45 7.49
CA THR A 172 -9.07 24.32 7.82
C THR A 172 -7.86 23.46 8.12
N VAL A 173 -6.77 23.72 7.43
CA VAL A 173 -5.49 23.05 7.67
C VAL A 173 -4.72 23.89 8.69
N ASP A 174 -4.62 23.37 9.91
CA ASP A 174 -3.94 24.11 10.96
C ASP A 174 -2.44 24.09 10.70
N PRO A 175 -1.72 25.12 11.18
CA PRO A 175 -0.29 25.22 10.86
C PRO A 175 0.61 24.49 11.85
N ASP A 176 1.90 24.52 11.55
CA ASP A 176 2.94 23.93 12.38
C ASP A 176 3.61 24.99 13.26
N THR A 177 4.43 24.51 14.20
CA THR A 177 5.22 25.36 15.08
C THR A 177 6.70 25.05 14.91
N VAL A 178 7.51 26.10 14.74
CA VAL A 178 8.96 25.99 14.81
C VAL A 178 9.38 26.34 16.23
N LEU A 179 10.14 25.45 16.87
CA LEU A 179 10.60 25.73 18.22
C LEU A 179 11.68 26.81 18.18
N PRO A 180 11.74 27.70 19.17
CA PRO A 180 12.90 28.61 19.25
C PRO A 180 14.18 27.79 19.36
N ALA A 181 15.15 28.10 18.51
CA ALA A 181 16.43 27.41 18.58
C ALA A 181 17.27 28.03 19.69
N LYS A 182 18.03 27.19 20.36
CA LYS A 182 18.88 27.66 21.44
C LYS A 182 19.99 28.53 20.86
N PRO A 183 20.21 29.74 21.38
CA PRO A 183 21.26 30.60 20.81
C PRO A 183 22.62 29.92 20.81
N GLY A 184 23.30 30.01 19.67
CA GLY A 184 24.58 29.37 19.51
C GLY A 184 24.56 27.85 19.41
N GLY A 185 23.41 27.21 19.52
CA GLY A 185 23.34 25.77 19.41
C GLY A 185 23.42 25.29 17.97
N ASP A 186 23.46 23.97 17.82
CA ASP A 186 23.60 23.36 16.51
C ASP A 186 22.33 22.61 16.08
N ARG A 187 21.17 23.01 16.61
CA ARG A 187 19.93 22.27 16.51
C ARG A 187 18.75 23.18 16.23
N ILE A 188 17.88 22.76 15.29
CA ILE A 188 16.57 23.36 15.13
C ILE A 188 15.51 22.26 15.20
N ALA A 189 14.26 22.65 15.43
CA ALA A 189 13.23 21.65 15.64
C ALA A 189 11.87 22.26 15.34
N TRP A 190 10.97 21.40 14.90
CA TRP A 190 9.63 21.84 14.52
C TRP A 190 8.66 20.67 14.65
N CYS A 191 7.38 21.00 14.79
CA CYS A 191 6.37 19.93 14.87
C CYS A 191 4.99 20.48 14.58
N HIS A 192 4.04 19.57 14.45
CA HIS A 192 2.62 19.85 14.32
C HIS A 192 1.93 19.27 15.54
N HIS A 193 1.12 20.09 16.21
CA HIS A 193 0.34 19.69 17.37
C HIS A 193 -1.14 19.77 17.04
N ASN A 194 -1.88 18.67 17.20
CA ASN A 194 -3.31 18.70 16.90
C ASN A 194 -4.05 19.35 18.06
N GLY A 195 -4.50 20.58 17.88
CA GLY A 195 -5.24 21.30 18.90
C GLY A 195 -6.73 21.02 18.93
N ARG A 196 -7.20 20.18 18.03
CA ARG A 196 -8.60 19.82 17.93
C ARG A 196 -8.66 18.49 17.19
N SER A 197 -9.86 17.93 17.05
CA SER A 197 -10.05 16.61 16.48
C SER A 197 -11.47 16.46 15.94
N LEU A 198 -11.58 15.82 14.78
CA LEU A 198 -12.88 15.48 14.21
C LEU A 198 -13.56 14.30 14.90
N TYR A 199 -12.86 13.63 15.82
CA TYR A 199 -13.34 12.33 16.30
C TYR A 199 -14.59 12.42 17.17
N PRO A 200 -14.69 13.33 18.13
CA PRO A 200 -15.92 13.35 18.96
C PRO A 200 -17.17 13.62 18.13
N ALA A 201 -17.11 14.59 17.22
CA ALA A 201 -18.27 14.86 16.38
C ALA A 201 -18.60 13.66 15.48
N LEU A 202 -17.58 12.93 15.03
CA LEU A 202 -17.88 11.74 14.23
C LEU A 202 -18.60 10.67 15.07
N LEU A 203 -18.14 10.43 16.30
CA LEU A 203 -18.82 9.43 17.11
C LEU A 203 -20.26 9.86 17.35
N ALA A 204 -20.48 11.14 17.62
CA ALA A 204 -21.84 11.61 17.85
C ALA A 204 -22.70 11.39 16.62
N ASN A 205 -22.18 11.71 15.43
CA ASN A 205 -22.96 11.50 14.20
C ASN A 205 -23.29 10.03 13.98
N GLN A 206 -22.42 9.12 14.43
CA GLN A 206 -22.62 7.70 14.19
C GLN A 206 -23.29 6.99 15.36
N HIS A 207 -23.85 7.76 16.31
CA HIS A 207 -24.57 7.22 17.46
C HIS A 207 -23.67 6.41 18.37
N LEU A 208 -22.40 6.79 18.43
CA LEU A 208 -21.42 6.10 19.25
C LEU A 208 -20.87 6.99 20.37
N GLU A 209 -21.61 8.02 20.78
CA GLU A 209 -21.16 8.89 21.86
C GLU A 209 -20.84 8.09 23.10
N SER A 210 -21.60 7.02 23.37
CA SER A 210 -21.38 6.22 24.58
C SER A 210 -20.00 5.59 24.64
N LEU A 211 -19.32 5.46 23.50
CA LEU A 211 -17.99 4.87 23.45
C LEU A 211 -16.89 5.89 23.66
N LEU A 212 -17.22 7.18 23.67
CA LEU A 212 -16.20 8.20 23.80
C LEU A 212 -15.35 8.02 25.05
N PRO A 213 -15.91 7.77 26.24
CA PRO A 213 -15.05 7.62 27.43
C PRO A 213 -14.19 6.36 27.40
N LYS A 214 -14.60 5.36 26.61
CA LYS A 214 -13.94 4.03 26.62
C LYS A 214 -12.73 3.96 25.68
N TYR A 215 -12.67 4.82 24.65
CA TYR A 215 -11.62 4.79 23.65
C TYR A 215 -11.11 6.20 23.45
N PRO A 216 -9.86 6.48 23.81
CA PRO A 216 -9.38 7.87 23.74
C PRO A 216 -9.34 8.40 22.31
N ASP A 217 -9.47 9.71 22.19
CA ASP A 217 -9.37 10.42 20.93
C ASP A 217 -8.05 10.08 20.25
N PRO A 218 -8.08 9.54 19.04
CA PRO A 218 -6.82 9.16 18.38
C PRO A 218 -6.08 10.31 17.70
N LEU A 219 -6.67 11.50 17.62
CA LEU A 219 -6.02 12.65 17.01
C LEU A 219 -5.67 13.76 18.00
N LEU A 220 -6.49 13.99 19.02
CA LEU A 220 -6.27 15.17 19.85
C LEU A 220 -4.93 15.11 20.57
N ASN A 221 -4.19 16.22 20.49
CA ASN A 221 -2.88 16.36 21.14
C ASN A 221 -1.80 15.48 20.55
N ARG A 222 -2.09 14.75 19.46
CA ARG A 222 -1.02 14.11 18.72
C ARG A 222 -0.08 15.19 18.22
N THR A 223 1.22 14.97 18.38
CA THR A 223 2.23 15.95 18.06
C THR A 223 3.36 15.21 17.39
N PHE A 224 3.78 15.68 16.23
CA PHE A 224 4.78 14.96 15.48
C PHE A 224 5.66 15.94 14.73
N GLY A 225 6.94 15.62 14.66
CA GLY A 225 7.87 16.52 14.02
C GLY A 225 9.26 15.96 14.03
N ALA A 226 10.22 16.87 13.94
CA ALA A 226 11.61 16.46 13.85
C ALA A 226 12.58 17.50 14.39
N VAL A 227 13.78 17.02 14.64
CA VAL A 227 14.94 17.77 15.09
C VAL A 227 16.02 17.61 14.02
N LEU A 228 16.58 18.74 13.58
CA LEU A 228 17.68 18.76 12.62
C LEU A 228 18.92 19.34 13.28
N GLU A 229 20.02 18.62 13.21
CA GLU A 229 21.25 19.15 13.79
C GLU A 229 22.44 18.65 12.99
N GLY A 230 23.58 19.25 13.25
CA GLY A 230 24.80 18.77 12.64
C GLY A 230 26.01 19.28 13.39
N PRO A 231 27.00 18.42 13.57
CA PRO A 231 28.22 18.87 14.24
C PRO A 231 28.84 20.03 13.46
N GLY A 232 29.18 21.09 14.18
CA GLY A 232 29.78 22.26 13.57
C GLY A 232 28.80 23.25 12.97
N PHE A 233 27.52 22.97 12.98
CA PHE A 233 26.53 23.93 12.55
C PHE A 233 26.11 24.80 13.73
N VAL A 234 25.60 25.99 13.42
CA VAL A 234 24.97 26.86 14.39
C VAL A 234 23.62 27.30 13.84
N ALA A 235 22.62 27.37 14.70
CA ALA A 235 21.32 27.89 14.33
C ALA A 235 21.45 29.39 14.10
N SER A 236 21.45 29.81 12.85
CA SER A 236 21.47 31.25 12.56
C SER A 236 20.06 31.83 12.53
N GLY A 237 19.04 30.99 12.55
CA GLY A 237 17.68 31.39 12.80
C GLY A 237 16.97 30.16 13.33
N ASP A 238 15.70 30.31 13.70
CA ASP A 238 14.95 29.12 14.14
C ASP A 238 14.73 28.10 13.01
N ARG A 239 14.89 28.51 11.75
CA ARG A 239 14.65 27.66 10.58
C ARG A 239 15.91 27.47 9.74
N THR A 240 17.07 27.77 10.29
CA THR A 240 18.30 27.84 9.49
C THR A 240 19.49 27.37 10.30
N LEU A 241 20.24 26.42 9.74
CA LEU A 241 21.54 26.01 10.27
C LEU A 241 22.64 26.42 9.29
N LYS A 242 23.78 26.85 9.80
CA LYS A 242 24.91 27.10 8.91
C LYS A 242 26.20 26.61 9.54
N LEU A 243 27.11 26.14 8.70
CA LEU A 243 28.43 25.76 9.19
C LEU A 243 29.15 26.97 9.75
N MET A 244 29.65 26.85 10.99
CA MET A 244 30.45 27.93 11.56
C MET A 244 31.79 28.10 10.83
N LYS A 245 32.48 26.99 10.57
CA LYS A 245 33.75 26.99 9.83
C LYS A 245 33.59 26.15 8.57
N GLU A 246 34.16 26.62 7.47
CA GLU A 246 34.13 25.86 6.23
C GLU A 246 34.67 24.46 6.47
N SER A 247 34.10 23.48 5.76
CA SER A 247 34.49 22.09 5.94
C SER A 247 34.40 21.37 4.60
N ALA A 248 35.24 20.35 4.45
CA ALA A 248 35.20 19.47 3.30
C ALA A 248 34.41 18.19 3.56
N ALA A 249 33.94 17.99 4.78
CA ALA A 249 33.22 16.76 5.13
C ALA A 249 32.36 17.03 6.34
N PHE A 250 31.04 16.92 6.20
CA PHE A 250 30.16 17.25 7.30
C PHE A 250 28.84 16.52 7.12
N ARG A 251 27.95 16.68 8.09
CA ARG A 251 26.78 15.82 8.15
C ARG A 251 25.65 16.55 8.84
N LEU A 252 24.43 16.25 8.39
CA LEU A 252 23.19 16.65 9.02
C LEU A 252 22.46 15.40 9.47
N ASP A 253 21.89 15.47 10.67
CA ASP A 253 21.13 14.40 11.29
C ASP A 253 19.71 14.89 11.56
N LEU A 254 18.73 14.08 11.16
CA LEU A 254 17.31 14.40 11.28
C LEU A 254 16.65 13.31 12.12
N TYR A 255 16.16 13.69 13.30
CA TYR A 255 15.52 12.78 14.24
C TYR A 255 14.03 13.04 14.26
N ALA A 256 13.22 11.99 14.16
CA ALA A 256 11.78 12.16 14.03
C ALA A 256 11.07 11.55 15.22
N LEU A 257 10.01 12.24 15.68
CA LEU A 257 9.26 11.72 16.80
C LEU A 257 7.80 12.14 16.72
N ALA A 258 6.91 11.17 16.97
CA ALA A 258 5.50 11.41 17.18
C ALA A 258 5.16 10.95 18.59
N THR A 259 4.30 11.71 19.27
CA THR A 259 3.82 11.33 20.59
C THR A 259 2.51 12.07 20.82
N THR A 260 1.97 11.97 22.01
CA THR A 260 0.84 12.77 22.45
C THR A 260 1.38 13.78 23.44
N ALA A 261 0.99 15.06 23.27
CA ALA A 261 1.60 16.13 24.08
C ALA A 261 0.62 17.26 24.34
N PRO A 262 0.65 17.89 25.53
CA PRO A 262 -0.23 19.05 25.74
C PRO A 262 0.22 20.28 24.98
N ASP A 263 1.48 20.34 24.56
CA ASP A 263 1.98 21.49 23.82
C ASP A 263 3.32 21.13 23.17
N VAL A 264 3.79 22.04 22.33
CA VAL A 264 4.96 21.71 21.53
C VAL A 264 6.19 21.64 22.39
N GLU A 265 6.24 22.38 23.50
CA GLU A 265 7.42 22.32 24.39
C GLU A 265 7.57 20.92 24.99
N ALA A 266 6.47 20.30 25.40
CA ALA A 266 6.53 18.95 25.93
C ALA A 266 7.04 17.98 24.86
N TRP A 267 6.46 18.09 23.65
CA TRP A 267 7.00 17.30 22.54
C TRP A 267 8.50 17.55 22.37
N ALA A 268 8.91 18.83 22.41
CA ALA A 268 10.29 19.17 22.12
C ALA A 268 11.25 18.61 23.14
N ASP A 269 10.83 18.54 24.41
N ASP A 269 10.83 18.54 24.41
CA ASP A 269 11.69 17.93 25.43
CA ASP A 269 11.67 17.93 25.43
C ASP A 269 11.96 16.46 25.09
C ASP A 269 11.96 16.47 25.08
N ASP A 270 10.90 15.71 24.78
CA ASP A 270 11.10 14.31 24.42
C ASP A 270 11.93 14.17 23.14
N ALA A 271 11.69 15.02 22.14
CA ALA A 271 12.45 14.92 20.89
C ALA A 271 13.92 15.28 21.09
N GLY A 272 14.20 16.26 21.94
CA GLY A 272 15.58 16.58 22.24
C GLY A 272 16.28 15.45 22.96
N VAL A 273 15.56 14.76 23.85
CA VAL A 273 16.18 13.60 24.51
C VAL A 273 16.50 12.52 23.49
N LEU A 274 15.57 12.28 22.56
CA LEU A 274 15.81 11.30 21.51
C LEU A 274 17.06 11.66 20.72
N ALA A 275 17.17 12.92 20.30
CA ALA A 275 18.35 13.37 19.56
C ALA A 275 19.62 13.22 20.39
N ASP A 276 19.58 13.62 21.66
CA ASP A 276 20.75 13.43 22.52
C ASP A 276 21.16 11.97 22.54
N THR A 277 20.22 11.08 22.76
CA THR A 277 20.56 9.66 22.85
C THR A 277 21.16 9.15 21.55
N LEU A 278 20.45 9.35 20.44
CA LEU A 278 20.92 8.74 19.19
C LEU A 278 22.19 9.39 18.67
N SER A 279 22.44 10.67 18.99
CA SER A 279 23.67 11.29 18.52
C SER A 279 24.88 10.68 19.20
N GLY A 280 24.69 10.02 20.33
CA GLY A 280 25.76 9.35 21.02
C GLY A 280 26.19 8.03 20.41
N LEU A 281 25.42 7.51 19.48
CA LEU A 281 25.77 6.25 18.83
C LEU A 281 26.88 6.45 17.80
N ASP A 282 27.79 5.48 17.71
CA ASP A 282 28.84 5.53 16.70
C ASP A 282 28.24 5.35 15.32
N ILE A 283 28.46 6.33 14.44
CA ILE A 283 27.74 6.34 13.18
C ILE A 283 28.22 5.23 12.28
N GLU A 284 29.49 4.82 12.35
CA GLU A 284 29.96 3.75 11.48
C GLU A 284 29.42 2.39 11.92
N ALA A 285 29.30 2.15 13.23
CA ALA A 285 28.59 0.95 13.68
C ALA A 285 27.12 0.99 13.25
N ALA A 286 26.48 2.15 13.39
CA ALA A 286 25.09 2.25 12.91
C ALA A 286 25.02 1.99 11.40
N ARG A 287 25.97 2.52 10.64
CA ARG A 287 25.97 2.33 9.20
C ARG A 287 26.12 0.85 8.84
N LEU A 288 27.03 0.16 9.54
CA LEU A 288 27.19 -1.27 9.29
C LEU A 288 25.91 -2.04 9.61
N ALA A 289 25.27 -1.74 10.74
CA ALA A 289 24.04 -2.44 11.06
C ALA A 289 22.91 -2.09 10.08
N HIS A 290 22.87 -0.84 9.59
CA HIS A 290 21.92 -0.44 8.57
C HIS A 290 22.12 -1.24 7.27
N ARG A 291 23.38 -1.32 6.84
CA ARG A 291 23.66 -2.04 5.60
C ARG A 291 23.38 -3.53 5.75
N ASN A 292 23.67 -4.10 6.93
CA ASN A 292 23.39 -5.51 7.15
C ASN A 292 21.89 -5.77 7.17
N TRP A 293 21.11 -4.84 7.74
CA TRP A 293 19.66 -4.99 7.70
C TRP A 293 19.17 -5.08 6.26
N TRP A 294 19.65 -4.16 5.42
CA TRP A 294 19.17 -4.17 4.03
C TRP A 294 19.70 -5.38 3.26
N ARG A 295 20.96 -5.78 3.48
CA ARG A 295 21.47 -6.97 2.82
C ARG A 295 20.61 -8.18 3.17
N ALA A 296 20.29 -8.34 4.45
CA ALA A 296 19.45 -9.48 4.84
C ALA A 296 18.06 -9.36 4.20
N PHE A 297 17.49 -8.15 4.18
CA PHE A 297 16.17 -7.96 3.58
C PHE A 297 16.15 -8.42 2.13
N TRP A 298 17.12 -7.99 1.34
CA TRP A 298 17.15 -8.42 -0.05
C TRP A 298 17.51 -9.89 -0.20
N GLY A 299 18.16 -10.49 0.80
CA GLY A 299 18.38 -11.93 0.77
C GLY A 299 17.18 -12.77 1.15
N ARG A 300 16.11 -12.17 1.66
CA ARG A 300 14.94 -12.98 2.00
C ARG A 300 14.34 -13.68 0.78
N SER A 301 14.33 -13.04 -0.38
CA SER A 301 13.53 -13.49 -1.50
C SER A 301 13.91 -12.65 -2.71
N TRP A 302 13.73 -13.23 -3.89
CA TRP A 302 13.97 -12.46 -5.11
C TRP A 302 13.29 -13.15 -6.29
N ILE A 303 13.02 -12.36 -7.33
CA ILE A 303 12.63 -12.89 -8.63
C ILE A 303 13.43 -12.10 -9.67
N VAL A 304 14.38 -12.77 -10.35
CA VAL A 304 15.26 -12.15 -11.32
C VAL A 304 15.01 -12.84 -12.64
N VAL A 305 14.47 -12.07 -13.61
CA VAL A 305 13.98 -12.61 -14.87
C VAL A 305 14.82 -12.05 -16.02
N ASP A 306 15.12 -12.91 -17.00
CA ASP A 306 15.79 -12.43 -18.21
C ASP A 306 15.32 -13.27 -19.39
N GLY A 307 15.63 -12.81 -20.60
CA GLY A 307 15.32 -13.60 -21.78
C GLY A 307 16.28 -14.77 -21.91
N ASN A 308 15.75 -15.90 -22.40
CA ASN A 308 16.59 -17.05 -22.63
C ASN A 308 17.33 -16.86 -23.96
N ASP A 309 18.35 -17.69 -24.18
CA ASP A 309 19.22 -17.53 -25.35
C ASP A 309 18.98 -18.62 -26.39
N LEU A 310 17.75 -19.07 -26.53
CA LEU A 310 17.45 -20.04 -27.58
C LEU A 310 17.23 -19.31 -28.91
N PRO A 311 17.90 -19.73 -29.99
CA PRO A 311 17.58 -19.19 -31.32
C PRO A 311 16.09 -19.14 -31.58
N GLY A 312 15.67 -18.13 -32.31
CA GLY A 312 14.28 -17.95 -32.64
C GLY A 312 13.49 -17.07 -31.69
N GLY A 313 14.13 -16.52 -30.67
CA GLY A 313 13.42 -15.69 -29.72
C GLY A 313 13.33 -14.23 -30.13
N ASP A 314 12.60 -13.46 -29.31
CA ASP A 314 12.35 -12.05 -29.55
C ASP A 314 13.08 -11.22 -28.50
N PRO A 315 14.00 -10.33 -28.89
CA PRO A 315 14.75 -9.55 -27.87
C PRO A 315 13.87 -8.73 -26.95
N THR A 316 12.67 -8.33 -27.40
CA THR A 316 11.79 -7.61 -26.48
C THR A 316 11.41 -8.47 -25.28
N ASP A 317 11.42 -9.79 -25.42
CA ASP A 317 11.10 -10.62 -24.26
C ASP A 317 12.14 -10.43 -23.16
N GLY A 318 13.43 -10.34 -23.53
CA GLY A 318 14.45 -10.06 -22.53
C GLY A 318 14.31 -8.66 -21.96
N GLU A 319 14.06 -7.67 -22.83
CA GLU A 319 13.84 -6.31 -22.36
C GLU A 319 12.71 -6.25 -21.31
N MET A 320 11.58 -6.92 -21.61
CA MET A 320 10.46 -6.92 -20.69
C MET A 320 10.79 -7.67 -19.42
N ALA A 321 11.47 -8.83 -19.52
CA ALA A 321 11.90 -9.55 -18.32
C ALA A 321 12.73 -8.66 -17.39
N ARG A 322 13.69 -7.94 -17.96
CA ARG A 322 14.54 -7.11 -17.12
C ARG A 322 13.74 -5.95 -16.50
N ALA A 323 12.81 -5.38 -17.27
CA ALA A 323 12.01 -4.28 -16.75
C ALA A 323 11.12 -4.76 -15.60
N VAL A 324 10.55 -5.96 -15.76
CA VAL A 324 9.71 -6.55 -14.74
C VAL A 324 10.51 -6.82 -13.48
N THR A 325 11.74 -7.31 -13.64
CA THR A 325 12.59 -7.56 -12.48
C THR A 325 12.84 -6.27 -11.68
N GLN A 326 13.24 -5.22 -12.40
CA GLN A 326 13.50 -3.96 -11.71
C GLN A 326 12.25 -3.44 -11.02
N SER A 327 11.10 -3.49 -11.70
CA SER A 327 9.86 -2.97 -11.12
C SER A 327 9.44 -3.73 -9.87
N TYR A 328 9.51 -5.07 -9.91
CA TYR A 328 9.20 -5.88 -8.74
C TYR A 328 10.05 -5.46 -7.56
N ALA A 329 11.35 -5.22 -7.80
CA ALA A 329 12.22 -4.78 -6.70
C ALA A 329 11.85 -3.39 -6.21
N MET A 330 11.51 -2.47 -7.12
CA MET A 330 11.22 -1.11 -6.69
C MET A 330 9.93 -1.08 -5.86
N GLN A 331 8.92 -1.87 -6.25
CA GLN A 331 7.76 -2.01 -5.37
C GLN A 331 8.18 -2.48 -3.98
N ARG A 332 9.05 -3.50 -3.91
CA ARG A 332 9.47 -3.97 -2.60
C ARG A 332 10.22 -2.90 -1.80
N TRP A 333 11.03 -2.08 -2.49
CA TRP A 333 11.79 -1.02 -1.81
C TRP A 333 10.86 0.02 -1.21
N MET A 334 9.80 0.38 -1.94
CA MET A 334 8.85 1.37 -1.42
C MET A 334 8.02 0.81 -0.28
N THR A 335 7.55 -0.46 -0.40
CA THR A 335 6.74 -1.02 0.68
C THR A 335 7.59 -1.15 1.94
N ALA A 336 8.84 -1.61 1.80
CA ALA A 336 9.70 -1.66 2.98
C ALA A 336 9.94 -0.27 3.54
N GLY A 337 10.08 0.73 2.67
CA GLY A 337 10.31 2.08 3.15
C GLY A 337 9.18 2.60 4.01
N SER A 338 7.95 2.13 3.76
CA SER A 338 6.79 2.63 4.49
C SER A 338 6.06 1.58 5.33
N GLY A 339 6.61 0.39 5.51
CA GLY A 339 5.83 -0.74 5.98
C GLY A 339 6.13 -1.27 7.35
N ARG A 340 6.83 -0.50 8.18
CA ARG A 340 7.08 -0.87 9.57
C ARG A 340 6.68 0.27 10.48
N SER A 341 5.46 0.74 10.27
CA SER A 341 4.91 1.85 11.05
C SER A 341 5.06 1.58 12.54
N VAL A 342 5.42 2.63 13.27
CA VAL A 342 5.53 2.51 14.72
C VAL A 342 4.18 2.54 15.40
N ALA A 343 3.11 2.80 14.65
CA ALA A 343 1.78 2.94 15.24
C ALA A 343 0.72 2.17 14.44
N ALA A 344 1.10 1.03 13.88
CA ALA A 344 0.12 0.13 13.28
C ALA A 344 -0.66 0.82 12.17
N MET A 345 0.04 1.57 11.31
CA MET A 345 -0.59 2.25 10.20
C MET A 345 -0.33 1.49 8.90
N PRO A 346 -1.37 0.97 8.24
CA PRO A 346 -1.13 0.30 6.95
C PRO A 346 -0.54 1.24 5.95
N ILE A 347 0.22 0.67 5.03
CA ILE A 347 0.83 1.46 3.95
C ILE A 347 -0.29 2.14 3.19
N PRO A 348 -0.28 3.46 3.05
CA PRO A 348 -1.31 4.12 2.22
C PRO A 348 -1.15 3.74 0.76
N PHE A 349 -2.23 3.23 0.17
CA PHE A 349 -2.17 2.82 -1.23
C PHE A 349 -1.95 4.01 -2.15
N ASN A 350 -2.45 5.18 -1.77
CA ASN A 350 -2.40 6.37 -2.63
C ASN A 350 -1.19 7.23 -2.29
N GLY A 351 -0.01 6.61 -2.47
CA GLY A 351 1.27 7.31 -2.39
C GLY A 351 2.16 6.94 -1.22
N ALA A 352 1.68 6.09 -0.32
CA ALA A 352 2.44 5.74 0.87
C ALA A 352 2.88 7.05 1.54
N ILE A 353 4.10 7.07 2.05
CA ILE A 353 4.67 8.30 2.61
C ILE A 353 5.63 8.97 1.62
N PHE A 354 5.50 8.64 0.33
CA PHE A 354 6.45 9.02 -0.71
C PHE A 354 5.83 9.92 -1.77
N THR A 355 4.71 10.55 -1.42
CA THR A 355 4.14 11.62 -2.21
C THR A 355 5.05 12.83 -2.24
N VAL A 356 4.87 13.67 -3.26
CA VAL A 356 5.62 14.91 -3.40
C VAL A 356 4.65 15.97 -3.90
N GLY A 357 5.10 17.21 -3.84
CA GLY A 357 4.36 18.33 -4.38
C GLY A 357 5.11 19.61 -4.05
N LYS A 358 4.53 20.72 -4.50
CA LYS A 358 5.04 22.04 -4.13
C LYS A 358 3.85 22.97 -3.96
N GLU A 359 3.74 23.57 -2.79
CA GLU A 359 2.61 24.43 -2.49
C GLU A 359 2.58 25.62 -3.44
N THR A 360 1.37 26.03 -3.80
CA THR A 360 1.22 27.27 -4.55
C THR A 360 1.45 28.49 -3.64
N PRO A 361 2.03 29.57 -4.18
CA PRO A 361 2.37 30.72 -3.31
C PRO A 361 1.12 31.26 -2.59
N LYS A 362 1.31 31.64 -1.33
CA LYS A 362 0.21 32.16 -0.53
C LYS A 362 -0.57 33.23 -1.29
N GLU A 363 0.14 34.14 -1.96
CA GLU A 363 -0.51 35.26 -2.62
C GLU A 363 -1.39 34.82 -3.76
N LYS A 364 -1.12 33.66 -4.35
CA LYS A 364 -1.95 33.11 -5.42
C LYS A 364 -3.01 32.15 -4.92
N TYR A 365 -2.99 31.77 -3.63
CA TYR A 365 -3.88 30.72 -3.16
C TYR A 365 -5.32 31.22 -3.07
N ASP A 366 -6.25 30.40 -3.53
CA ASP A 366 -7.69 30.73 -3.44
C ASP A 366 -8.41 29.62 -2.68
N PRO A 367 -8.97 29.92 -1.51
CA PRO A 367 -9.60 28.83 -0.72
C PRO A 367 -10.71 28.10 -1.46
N ALA A 368 -11.39 28.79 -2.38
CA ALA A 368 -12.48 28.16 -3.11
C ALA A 368 -11.97 27.21 -4.17
N LYS A 369 -10.69 27.30 -4.52
CA LYS A 369 -10.10 26.39 -5.51
C LYS A 369 -9.20 25.34 -4.89
N GLY A 370 -8.61 25.59 -3.73
CA GLY A 370 -7.70 24.64 -3.15
C GLY A 370 -6.40 24.57 -3.92
N ASP A 371 -5.59 23.58 -3.53
CA ASP A 371 -4.27 23.39 -4.12
C ASP A 371 -3.91 21.90 -4.11
N THR A 372 -4.19 21.22 -5.22
CA THR A 372 -3.84 19.80 -5.33
C THR A 372 -2.35 19.57 -5.53
N GLY A 373 -1.57 20.62 -5.82
CA GLY A 373 -0.14 20.46 -5.89
C GLY A 373 0.60 20.49 -4.56
N ASN A 374 -0.10 20.73 -3.47
CA ASN A 374 0.66 20.95 -2.24
C ASN A 374 1.17 19.63 -1.68
N PRO A 375 2.26 19.66 -0.91
CA PRO A 375 2.95 18.41 -0.57
C PRO A 375 2.13 17.44 0.26
N ASP A 376 1.09 17.90 0.97
CA ASP A 376 0.27 17.04 1.82
C ASP A 376 -0.90 16.38 1.08
N PHE A 377 -1.09 16.69 -0.20
CA PHE A 377 -2.27 16.23 -0.91
C PHE A 377 -2.15 14.76 -1.29
N ARG A 378 -3.28 14.06 -1.28
CA ARG A 378 -3.38 12.77 -1.94
C ARG A 378 -4.81 12.53 -2.39
N THR A 379 -4.98 12.13 -3.65
CA THR A 379 -6.28 11.79 -4.17
C THR A 379 -6.85 10.61 -3.38
N GLY A 380 -8.03 10.79 -2.79
CA GLY A 380 -8.66 9.79 -1.96
C GLY A 380 -8.48 10.00 -0.47
N GLY A 381 -7.65 10.96 -0.07
CA GLY A 381 -7.50 11.24 1.34
C GLY A 381 -6.85 10.13 2.15
N GLY A 382 -7.16 10.13 3.44
CA GLY A 382 -6.42 9.32 4.38
C GLY A 382 -7.07 8.01 4.77
N ASN A 383 -8.32 7.79 4.38
CA ASN A 383 -8.98 6.54 4.73
C ASN A 383 -8.31 5.36 4.01
N ILE A 384 -8.52 4.16 4.53
CA ILE A 384 -7.81 2.98 4.07
C ILE A 384 -8.80 2.03 3.41
N PRO A 385 -8.91 2.02 2.08
CA PRO A 385 -9.87 1.11 1.42
C PRO A 385 -9.29 -0.28 1.23
N PHE A 386 -10.00 -1.28 1.71
CA PHE A 386 -9.46 -2.63 1.67
C PHE A 386 -9.18 -3.09 0.24
N GLN A 387 -10.05 -2.73 -0.71
CA GLN A 387 -9.92 -3.30 -2.09
C GLN A 387 -8.56 -2.92 -2.69
N ASN A 388 -8.06 -1.72 -2.41
CA ASN A 388 -6.72 -1.33 -2.86
C ASN A 388 -5.67 -1.89 -1.94
N THR A 389 -5.89 -1.81 -0.62
CA THR A 389 -4.81 -2.07 0.34
C THR A 389 -4.43 -3.54 0.35
N ARG A 390 -5.40 -4.43 0.14
CA ARG A 390 -5.11 -5.87 0.17
C ARG A 390 -4.04 -6.24 -0.83
N HIS A 391 -3.97 -5.54 -1.95
CA HIS A 391 -3.03 -5.89 -3.00
C HIS A 391 -1.60 -5.57 -2.63
N ILE A 392 -1.39 -4.63 -1.71
CA ILE A 392 -0.03 -4.33 -1.26
C ILE A 392 0.49 -5.46 -0.41
N TYR A 393 -0.38 -6.12 0.35
CA TYR A 393 0.03 -7.04 1.39
C TYR A 393 0.04 -8.50 0.97
N TRP A 394 -0.90 -8.94 0.10
CA TRP A 394 -0.85 -10.34 -0.34
C TRP A 394 0.54 -10.78 -0.80
N PRO A 395 1.27 -10.04 -1.63
CA PRO A 395 2.58 -10.53 -2.11
C PRO A 395 3.67 -10.61 -1.04
N MET A 396 3.48 -9.99 0.12
CA MET A 396 4.51 -10.04 1.14
C MET A 396 4.71 -11.44 1.70
N LEU A 397 3.70 -12.31 1.59
CA LEU A 397 3.83 -13.68 2.06
C LEU A 397 4.92 -14.42 1.29
N ALA A 398 4.80 -14.47 -0.02
CA ALA A 398 5.81 -15.15 -0.81
C ALA A 398 7.15 -14.43 -0.75
N SER A 399 7.14 -13.10 -0.53
CA SER A 399 8.43 -12.45 -0.34
C SER A 399 9.08 -12.79 1.00
N GLY A 400 8.32 -13.33 1.95
CA GLY A 400 8.88 -13.51 3.28
C GLY A 400 8.97 -12.23 4.08
N ASP A 401 8.17 -11.22 3.73
CA ASP A 401 8.22 -9.90 4.38
C ASP A 401 7.18 -9.80 5.52
N TYR A 402 7.32 -10.74 6.45
CA TYR A 402 6.36 -10.86 7.55
C TYR A 402 6.34 -9.60 8.42
N ASP A 403 7.51 -9.01 8.64
CA ASP A 403 7.57 -7.79 9.43
C ASP A 403 6.79 -6.66 8.76
N LEU A 404 6.79 -6.62 7.42
CA LEU A 404 6.02 -5.56 6.76
C LEU A 404 4.53 -5.80 6.88
N MET A 405 4.13 -7.06 7.04
CA MET A 405 2.70 -7.34 7.16
C MET A 405 2.14 -7.06 8.56
N ARG A 406 2.95 -7.20 9.60
CA ARG A 406 2.38 -7.12 10.94
C ARG A 406 1.64 -5.82 11.24
N PRO A 407 2.06 -4.64 10.76
CA PRO A 407 1.30 -3.41 11.09
C PRO A 407 -0.13 -3.42 10.56
N PHE A 408 -0.39 -4.04 9.40
CA PHE A 408 -1.72 -4.13 8.83
C PHE A 408 -2.65 -4.98 9.71
N PHE A 409 -2.19 -6.19 10.06
CA PHE A 409 -2.96 -7.02 10.97
C PHE A 409 -3.13 -6.34 12.33
N ARG A 410 -2.08 -5.66 12.81
CA ARG A 410 -2.17 -5.02 14.11
C ARG A 410 -3.20 -3.90 14.10
N ARG A 411 -3.29 -3.16 12.99
CA ARG A 411 -4.30 -2.12 12.86
C ARG A 411 -5.70 -2.69 13.08
N TYR A 412 -6.03 -3.76 12.36
CA TYR A 412 -7.35 -4.34 12.56
C TYR A 412 -7.52 -4.83 14.01
N ARG A 413 -6.49 -5.46 14.57
CA ARG A 413 -6.59 -6.02 15.92
C ARG A 413 -6.79 -4.91 16.96
N GLU A 414 -6.15 -3.75 16.76
CA GLU A 414 -6.34 -2.66 17.71
C GLU A 414 -7.71 -2.02 17.56
N ASN A 415 -8.33 -2.13 16.38
CA ASN A 415 -9.68 -1.56 16.16
C ASN A 415 -10.80 -2.52 16.57
N LEU A 416 -10.47 -3.78 16.81
CA LEU A 416 -11.49 -4.80 17.07
C LEU A 416 -12.42 -4.47 18.24
N ALA A 417 -11.88 -3.97 19.37
CA ALA A 417 -12.74 -3.77 20.54
C ALA A 417 -13.82 -2.74 20.27
N LEU A 418 -13.42 -1.58 19.72
CA LEU A 418 -14.38 -0.56 19.34
C LEU A 418 -15.39 -1.10 18.34
N LEU A 419 -14.92 -1.80 17.30
CA LEU A 419 -15.86 -2.25 16.28
C LEU A 419 -16.78 -3.36 16.78
N THR A 420 -16.35 -4.14 17.76
CA THR A 420 -17.25 -5.11 18.37
C THR A 420 -18.36 -4.42 19.13
N GLU A 421 -18.01 -3.39 19.93
CA GLU A 421 -19.04 -2.65 20.65
C GLU A 421 -19.97 -1.96 19.68
N ARG A 422 -19.43 -1.42 18.60
CA ARG A 422 -20.28 -0.83 17.56
C ARG A 422 -21.29 -1.83 17.02
N THR A 423 -20.82 -3.03 16.66
CA THR A 423 -21.74 -4.05 16.16
C THR A 423 -22.78 -4.42 17.21
N ARG A 424 -22.36 -4.59 18.46
CA ARG A 424 -23.29 -4.87 19.54
C ARG A 424 -24.38 -3.81 19.61
N LEU A 425 -24.00 -2.54 19.50
CA LEU A 425 -24.99 -1.45 19.57
C LEU A 425 -25.88 -1.42 18.32
N TYR A 426 -25.29 -1.52 17.14
CA TYR A 426 -26.06 -1.37 15.90
C TYR A 426 -26.94 -2.57 15.65
N ASP A 427 -26.38 -3.77 15.77
CA ASP A 427 -27.00 -5.00 15.28
C ASP A 427 -27.48 -5.92 16.39
N LYS A 428 -27.11 -5.66 17.66
CA LYS A 428 -27.62 -6.45 18.77
C LYS A 428 -27.28 -7.93 18.62
N HIS A 429 -26.11 -8.23 18.07
CA HIS A 429 -25.60 -9.59 18.13
C HIS A 429 -24.09 -9.52 18.26
N ALA A 430 -23.48 -10.69 18.38
CA ALA A 430 -22.05 -10.84 18.59
C ALA A 430 -21.27 -10.56 17.29
N GLY A 431 -19.97 -10.43 17.45
CA GLY A 431 -19.09 -10.29 16.31
C GLY A 431 -18.75 -8.85 15.98
N ALA A 432 -18.06 -8.69 14.87
CA ALA A 432 -17.64 -7.36 14.43
C ALA A 432 -17.61 -7.35 12.91
N ALA A 433 -18.03 -6.23 12.34
CA ALA A 433 -17.97 -5.98 10.91
C ALA A 433 -17.00 -4.84 10.67
N PHE A 434 -16.13 -5.00 9.68
CA PHE A 434 -15.17 -3.98 9.30
C PHE A 434 -15.62 -3.33 8.00
N PRO A 435 -15.89 -2.03 8.00
CA PRO A 435 -16.28 -1.38 6.74
C PRO A 435 -15.17 -1.44 5.70
N GLU A 436 -15.59 -1.37 4.44
CA GLU A 436 -14.65 -1.47 3.31
C GLU A 436 -13.62 -0.36 3.33
N THR A 437 -14.01 0.84 3.76
CA THR A 437 -13.07 1.92 3.96
C THR A 437 -13.51 2.73 5.16
N GLY A 438 -12.53 3.36 5.79
CA GLY A 438 -12.80 4.23 6.93
C GLY A 438 -11.51 4.82 7.44
N PHE A 439 -11.61 5.54 8.56
CA PHE A 439 -10.45 6.12 9.21
C PHE A 439 -9.56 5.01 9.78
N PHE A 440 -8.32 5.37 10.11
CA PHE A 440 -7.40 4.37 10.62
C PHE A 440 -7.89 3.76 11.94
N TRP A 441 -8.75 4.44 12.68
CA TRP A 441 -9.26 3.87 13.93
C TRP A 441 -10.46 2.96 13.70
N GLY A 442 -10.87 2.74 12.45
CA GLY A 442 -11.76 1.67 12.10
C GLY A 442 -13.17 2.07 11.73
N LEU A 443 -13.60 3.27 12.08
CA LEU A 443 -14.95 3.70 11.78
C LEU A 443 -15.05 4.25 10.35
N PRO A 444 -16.21 4.10 9.71
CA PRO A 444 -16.41 4.76 8.42
C PRO A 444 -16.35 6.27 8.59
N ASN A 445 -16.08 6.97 7.48
CA ASN A 445 -16.12 8.42 7.53
C ASN A 445 -17.58 8.90 7.46
N ASP A 446 -17.78 10.17 7.80
CA ASP A 446 -19.15 10.64 7.97
C ASP A 446 -19.84 10.87 6.63
N ALA A 447 -19.09 11.01 5.54
CA ALA A 447 -19.74 11.10 4.24
C ALA A 447 -20.36 9.75 3.86
N ASP A 448 -19.60 8.68 4.03
CA ASP A 448 -20.13 7.35 3.72
C ASP A 448 -21.22 6.94 4.71
N PHE A 449 -21.05 7.29 5.99
CA PHE A 449 -22.10 6.98 6.96
C PHE A 449 -23.37 7.80 6.71
N GLY A 450 -23.23 9.09 6.44
CA GLY A 450 -24.36 9.98 6.28
C GLY A 450 -24.44 10.98 7.42
N ILE A 451 -24.34 12.27 7.10
CA ILE A 451 -24.50 13.31 8.11
C ILE A 451 -25.96 13.36 8.54
N GLY A 452 -26.21 13.19 9.85
CA GLY A 452 -27.58 13.14 10.33
C GLY A 452 -28.34 11.86 10.04
N ASN A 453 -27.68 10.82 9.54
CA ASN A 453 -28.33 9.52 9.36
C ASN A 453 -28.99 9.09 10.67
N LYS A 454 -30.33 8.94 10.65
CA LYS A 454 -31.06 8.56 11.85
C LYS A 454 -30.87 7.09 12.18
N GLU A 455 -30.35 6.31 11.24
CA GLU A 455 -30.16 4.89 11.38
C GLU A 455 -28.67 4.58 11.47
N ALA A 456 -28.34 3.30 11.39
CA ALA A 456 -26.95 2.87 11.42
C ALA A 456 -26.51 2.18 10.14
N VAL A 457 -27.38 2.08 9.12
CA VAL A 457 -26.96 1.50 7.85
C VAL A 457 -26.29 2.59 7.04
N LEU A 458 -25.10 2.30 6.51
CA LEU A 458 -24.34 3.33 5.82
C LEU A 458 -25.13 3.87 4.65
N GLN A 459 -25.15 5.21 4.54
CA GLN A 459 -25.87 5.87 3.47
C GLN A 459 -25.26 5.55 2.11
N ASN A 460 -23.94 5.45 2.03
CA ASN A 460 -23.29 5.30 0.73
C ASN A 460 -23.52 3.89 0.18
N LEU A 461 -24.25 3.80 -0.92
CA LEU A 461 -24.56 2.50 -1.53
C LEU A 461 -23.33 1.75 -2.00
N ALA A 462 -22.23 2.45 -2.29
CA ALA A 462 -21.07 1.75 -2.82
C ALA A 462 -20.53 0.75 -1.82
N ILE A 463 -20.67 1.03 -0.52
CA ILE A 463 -20.08 0.14 0.48
C ILE A 463 -21.05 -0.22 1.58
N ARG A 464 -22.33 0.04 1.36
CA ARG A 464 -23.33 -0.06 2.42
C ARG A 464 -23.24 -1.36 3.20
N TYR A 465 -23.15 -2.50 2.51
CA TYR A 465 -23.14 -3.82 3.14
C TYR A 465 -21.83 -4.56 2.94
N GLU A 466 -20.79 -3.91 2.41
CA GLU A 466 -19.56 -4.61 2.00
C GLU A 466 -18.65 -4.77 3.21
N ILE A 467 -18.53 -6.00 3.71
CA ILE A 467 -17.71 -6.26 4.88
C ILE A 467 -16.77 -7.43 4.65
N GLN A 468 -16.69 -7.87 3.40
CA GLN A 468 -15.94 -9.08 3.03
C GLN A 468 -14.47 -8.99 3.39
N GLY A 469 -13.95 -7.76 3.51
CA GLY A 469 -12.56 -7.59 3.89
C GLY A 469 -12.17 -8.31 5.17
N GLY A 470 -13.08 -8.37 6.14
CA GLY A 470 -12.75 -9.13 7.36
C GLY A 470 -12.44 -10.59 7.08
N LEU A 471 -13.19 -11.20 6.16
CA LEU A 471 -12.90 -12.58 5.77
C LEU A 471 -11.58 -12.69 5.04
N GLU A 472 -11.35 -11.79 4.08
CA GLU A 472 -10.12 -11.84 3.32
C GLU A 472 -8.92 -11.59 4.21
N LEU A 473 -9.04 -10.66 5.15
CA LEU A 473 -7.98 -10.44 6.13
C LEU A 473 -7.72 -11.71 6.92
N THR A 474 -8.78 -12.40 7.34
CA THR A 474 -8.58 -13.64 8.06
C THR A 474 -7.83 -14.66 7.21
N ALA A 475 -8.18 -14.78 5.93
CA ALA A 475 -7.45 -15.71 5.07
C ALA A 475 -5.97 -15.32 4.96
N MET A 476 -5.70 -14.02 4.83
CA MET A 476 -4.30 -13.58 4.74
C MET A 476 -3.56 -13.89 6.05
N MET A 477 -4.21 -13.70 7.18
CA MET A 477 -3.57 -14.00 8.44
C MET A 477 -3.36 -15.48 8.61
N LEU A 478 -4.27 -16.30 8.07
CA LEU A 478 -4.08 -17.75 8.15
C LEU A 478 -2.86 -18.17 7.34
N ASP A 479 -2.65 -17.57 6.16
CA ASP A 479 -1.43 -17.84 5.42
C ASP A 479 -0.18 -17.40 6.20
N TYR A 480 -0.25 -16.21 6.82
CA TYR A 480 0.86 -15.74 7.66
C TYR A 480 1.16 -16.76 8.75
N TYR A 481 0.13 -17.21 9.46
CA TYR A 481 0.35 -18.18 10.53
C TYR A 481 0.89 -19.49 9.97
N ASP A 482 0.32 -19.99 8.87
CA ASP A 482 0.81 -21.24 8.30
C ASP A 482 2.30 -21.12 7.97
N ALA A 483 2.73 -19.95 7.50
CA ALA A 483 4.13 -19.78 7.10
C ALA A 483 5.05 -19.63 8.32
N THR A 484 4.69 -18.77 9.26
CA THR A 484 5.58 -18.48 10.39
C THR A 484 5.47 -19.49 11.51
N GLN A 485 4.31 -20.16 11.63
CA GLN A 485 3.96 -21.00 12.78
C GLN A 485 4.10 -20.23 14.09
N ASP A 486 3.76 -18.95 14.06
CA ASP A 486 3.86 -18.09 15.24
C ASP A 486 2.59 -18.23 16.07
N THR A 487 2.69 -19.00 17.16
CA THR A 487 1.53 -19.29 17.97
C THR A 487 1.04 -18.05 18.71
N ASP A 488 1.96 -17.20 19.16
CA ASP A 488 1.52 -15.97 19.79
C ASP A 488 0.70 -15.10 18.83
N PHE A 489 1.14 -15.00 17.59
CA PHE A 489 0.36 -14.30 16.58
C PHE A 489 -1.01 -14.93 16.43
N LEU A 490 -1.05 -16.25 16.31
CA LEU A 490 -2.33 -16.95 16.18
C LEU A 490 -3.28 -16.59 17.31
N VAL A 491 -2.80 -16.67 18.54
CA VAL A 491 -3.68 -16.54 19.69
C VAL A 491 -4.03 -15.08 19.97
N ASN A 492 -3.11 -14.16 19.77
CA ASN A 492 -3.32 -12.79 20.22
C ASN A 492 -3.75 -11.84 19.11
N THR A 493 -3.57 -12.23 17.84
CA THR A 493 -4.00 -11.37 16.75
C THR A 493 -5.02 -12.05 15.85
N LEU A 494 -4.68 -13.20 15.27
CA LEU A 494 -5.57 -13.84 14.31
C LEU A 494 -6.87 -14.25 14.97
N LEU A 495 -6.80 -15.01 16.06
CA LEU A 495 -8.02 -15.62 16.57
C LEU A 495 -9.06 -14.60 17.01
N PRO A 496 -8.73 -13.53 17.75
CA PRO A 496 -9.78 -12.56 18.14
C PRO A 496 -10.47 -11.93 16.93
N LEU A 497 -9.70 -11.62 15.89
CA LEU A 497 -10.28 -11.06 14.68
C LEU A 497 -11.15 -12.09 13.95
N ALA A 498 -10.61 -13.30 13.74
CA ALA A 498 -11.39 -14.35 13.08
C ALA A 498 -12.66 -14.64 13.85
N ASP A 499 -12.56 -14.71 15.18
CA ASP A 499 -13.73 -14.93 16.03
C ASP A 499 -14.80 -13.89 15.73
N GLY A 500 -14.41 -12.60 15.70
CA GLY A 500 -15.40 -11.56 15.49
C GLY A 500 -16.02 -11.60 14.11
N VAL A 501 -15.19 -11.77 13.09
CA VAL A 501 -15.69 -11.81 11.72
C VAL A 501 -16.62 -13.01 11.52
N ALA A 502 -16.18 -14.19 11.95
CA ALA A 502 -16.98 -15.39 11.75
C ALA A 502 -18.29 -15.33 12.53
N ALA A 503 -18.25 -14.76 13.74
CA ALA A 503 -19.48 -14.61 14.51
C ALA A 503 -20.44 -13.67 13.81
N TYR A 504 -19.93 -12.55 13.27
CA TYR A 504 -20.80 -11.67 12.51
C TYR A 504 -21.47 -12.42 11.36
N TYR A 505 -20.69 -13.18 10.59
CA TYR A 505 -21.29 -13.85 9.44
C TYR A 505 -22.26 -14.94 9.89
N ASP A 506 -22.10 -15.46 11.09
CA ASP A 506 -23.02 -16.49 11.56
C ASP A 506 -24.30 -15.91 12.13
N GLN A 507 -24.23 -14.68 12.66
CA GLN A 507 -25.31 -14.11 13.43
C GLN A 507 -26.12 -13.04 12.69
N HIS A 508 -25.55 -12.38 11.68
CA HIS A 508 -26.21 -11.20 11.14
C HIS A 508 -27.38 -11.55 10.23
N TRP A 509 -27.37 -12.72 9.63
CA TRP A 509 -28.42 -13.14 8.72
C TRP A 509 -29.10 -14.38 9.29
N GLN A 510 -30.18 -14.79 8.62
CA GLN A 510 -31.04 -15.86 9.08
C GLN A 510 -30.95 -17.06 8.14
N ARG A 511 -31.12 -18.24 8.70
CA ARG A 511 -31.26 -19.44 7.88
C ARG A 511 -32.62 -19.45 7.22
N GLY A 512 -32.68 -19.93 5.98
CA GLY A 512 -33.93 -20.04 5.26
C GLY A 512 -34.55 -21.42 5.43
N GLY A 513 -35.59 -21.66 4.63
CA GLY A 513 -36.35 -22.89 4.77
C GLY A 513 -35.51 -24.14 4.57
N ASP A 514 -34.54 -24.09 3.66
CA ASP A 514 -33.65 -25.22 3.44
C ASP A 514 -32.57 -25.35 4.52
N GLY A 515 -32.61 -24.53 5.57
CA GLY A 515 -31.60 -24.58 6.59
C GLY A 515 -30.29 -23.86 6.28
N LYS A 516 -30.18 -23.20 5.13
CA LYS A 516 -28.96 -22.51 4.75
C LYS A 516 -29.11 -21.00 4.96
N ILE A 517 -28.00 -20.35 5.34
CA ILE A 517 -28.02 -18.92 5.56
C ILE A 517 -28.42 -18.19 4.27
N VAL A 518 -29.28 -17.19 4.42
CA VAL A 518 -29.67 -16.32 3.31
C VAL A 518 -28.94 -14.99 3.46
N PHE A 519 -27.92 -14.77 2.62
CA PHE A 519 -27.13 -13.53 2.71
C PHE A 519 -27.85 -12.45 1.90
N SER A 520 -28.80 -11.81 2.56
CA SER A 520 -29.54 -10.65 2.08
C SER A 520 -30.17 -10.02 3.30
N PRO A 521 -30.05 -8.70 3.50
CA PRO A 521 -29.40 -7.70 2.64
C PRO A 521 -27.88 -7.89 2.50
N ALA A 522 -27.35 -7.62 1.30
CA ALA A 522 -25.96 -7.89 1.00
C ALA A 522 -25.63 -7.24 -0.33
N GLN A 523 -24.35 -7.28 -0.68
CA GLN A 523 -23.88 -6.81 -1.97
C GLN A 523 -22.64 -7.60 -2.36
N SER A 524 -22.27 -7.50 -3.64
CA SER A 524 -21.13 -8.24 -4.17
C SER A 524 -20.04 -7.23 -4.47
N LEU A 525 -19.04 -7.15 -3.58
CA LEU A 525 -18.01 -6.09 -3.57
C LEU A 525 -18.72 -4.75 -3.72
N THR A 526 -18.25 -3.85 -4.58
CA THR A 526 -18.92 -2.59 -4.81
C THR A 526 -19.61 -2.55 -6.18
N THR A 527 -19.57 -3.66 -6.93
CA THR A 527 -20.08 -3.65 -8.29
C THR A 527 -21.57 -3.98 -8.37
N TYR A 528 -22.06 -4.85 -7.52
CA TYR A 528 -23.49 -5.16 -7.47
C TYR A 528 -24.00 -4.72 -6.12
N GLN A 529 -24.81 -3.65 -6.11
CA GLN A 529 -25.27 -2.96 -4.92
C GLN A 529 -26.71 -3.34 -4.64
N SER A 530 -27.22 -2.88 -3.50
CA SER A 530 -28.57 -3.26 -3.06
C SER A 530 -29.33 -2.09 -2.47
N PRO A 531 -29.70 -1.11 -3.30
CA PRO A 531 -30.51 0.01 -2.80
C PRO A 531 -31.85 -0.42 -2.20
N SER A 532 -32.43 -1.51 -2.66
CA SER A 532 -33.69 -1.98 -2.13
C SER A 532 -33.51 -2.89 -0.92
N GLY A 533 -32.29 -3.33 -0.64
CA GLY A 533 -32.05 -4.37 0.33
C GLY A 533 -32.29 -5.77 -0.18
N LYS A 534 -32.78 -5.90 -1.42
CA LYS A 534 -33.13 -7.18 -2.00
C LYS A 534 -32.47 -7.43 -3.34
N ASP A 535 -31.67 -6.50 -3.86
CA ASP A 535 -31.14 -6.66 -5.20
C ASP A 535 -30.11 -7.77 -5.30
N VAL A 536 -29.41 -8.08 -4.21
CA VAL A 536 -28.31 -9.04 -4.22
C VAL A 536 -28.57 -10.08 -3.16
N VAL A 537 -28.49 -11.33 -3.55
CA VAL A 537 -28.62 -12.44 -2.61
C VAL A 537 -27.42 -13.37 -2.80
N ASN A 538 -26.74 -13.67 -1.69
CA ASN A 538 -25.69 -14.68 -1.64
C ASN A 538 -24.51 -14.29 -2.52
N PRO A 539 -23.79 -13.24 -2.15
CA PRO A 539 -22.62 -12.82 -2.94
C PRO A 539 -21.52 -13.87 -2.88
N LEU A 540 -20.85 -14.05 -4.02
CA LEU A 540 -19.86 -15.11 -4.09
C LEU A 540 -18.63 -14.78 -3.25
N PRO A 541 -18.11 -13.56 -3.26
CA PRO A 541 -16.90 -13.30 -2.43
C PRO A 541 -17.06 -13.76 -0.98
N ASP A 542 -18.18 -13.40 -0.34
CA ASP A 542 -18.37 -13.76 1.06
C ASP A 542 -18.54 -15.28 1.24
N ILE A 543 -19.30 -15.91 0.35
CA ILE A 543 -19.50 -17.35 0.48
C ILE A 543 -18.20 -18.10 0.25
N ALA A 544 -17.44 -17.67 -0.76
CA ALA A 544 -16.16 -18.28 -1.05
C ALA A 544 -15.19 -18.09 0.11
N GLY A 545 -15.18 -16.90 0.69
CA GLY A 545 -14.36 -16.65 1.88
C GLY A 545 -14.71 -17.58 3.03
N LEU A 546 -16.01 -17.73 3.32
CA LEU A 546 -16.39 -18.63 4.42
C LEU A 546 -16.01 -20.08 4.10
N MET A 547 -16.22 -20.51 2.85
CA MET A 547 -15.82 -21.85 2.47
C MET A 547 -14.32 -22.07 2.63
N ALA A 548 -13.52 -21.04 2.34
CA ALA A 548 -12.07 -21.19 2.39
C ALA A 548 -11.52 -21.06 3.80
N VAL A 549 -12.10 -20.17 4.59
CA VAL A 549 -11.56 -19.83 5.90
C VAL A 549 -12.06 -20.75 7.00
N LEU A 550 -13.36 -21.06 7.03
CA LEU A 550 -13.88 -21.81 8.18
C LEU A 550 -13.19 -23.17 8.34
N PRO A 551 -12.95 -23.97 7.30
CA PRO A 551 -12.23 -25.24 7.55
C PRO A 551 -10.85 -25.03 8.18
N ARG A 552 -10.18 -23.95 7.81
CA ARG A 552 -8.84 -23.70 8.35
C ARG A 552 -8.90 -23.34 9.82
N LEU A 553 -9.85 -22.49 10.19
CA LEU A 553 -10.04 -22.18 11.61
C LEU A 553 -10.39 -23.43 12.39
N ILE A 554 -11.30 -24.24 11.85
CA ILE A 554 -11.72 -25.46 12.54
C ILE A 554 -10.53 -26.39 12.75
N ALA A 555 -9.54 -26.36 11.85
CA ALA A 555 -8.41 -27.26 11.96
C ALA A 555 -7.22 -26.70 12.75
N LEU A 556 -7.38 -25.55 13.40
CA LEU A 556 -6.25 -24.98 14.14
C LEU A 556 -5.85 -25.89 15.30
N PRO A 557 -4.61 -25.77 15.77
CA PRO A 557 -4.12 -26.73 16.77
C PRO A 557 -4.93 -26.70 18.05
N PRO A 558 -5.00 -27.84 18.76
CA PRO A 558 -5.66 -27.85 20.07
C PRO A 558 -5.03 -26.84 21.02
N GLY A 559 -5.87 -26.25 21.86
CA GLY A 559 -5.43 -25.26 22.81
C GLY A 559 -5.20 -23.87 22.23
N THR A 560 -5.52 -23.67 20.94
CA THR A 560 -5.51 -22.33 20.37
C THR A 560 -6.98 -21.93 20.18
N ALA A 561 -7.59 -22.19 19.04
CA ALA A 561 -9.04 -22.12 18.96
C ALA A 561 -9.67 -22.95 20.07
N THR A 562 -10.80 -22.49 20.60
CA THR A 562 -11.52 -23.29 21.59
C THR A 562 -12.45 -24.30 20.90
N ALA A 563 -12.78 -25.37 21.63
CA ALA A 563 -13.75 -26.33 21.12
C ALA A 563 -15.08 -25.65 20.82
N ALA A 564 -15.46 -24.66 21.63
CA ALA A 564 -16.70 -23.93 21.39
C ALA A 564 -16.63 -23.12 20.11
N GLN A 565 -15.50 -22.46 19.87
CA GLN A 565 -15.31 -21.81 18.59
C GLN A 565 -15.45 -22.81 17.44
N ARG A 566 -14.80 -23.95 17.56
CA ARG A 566 -14.89 -24.94 16.48
C ARG A 566 -16.34 -25.35 16.23
N THR A 567 -17.10 -25.53 17.30
CA THR A 567 -18.50 -25.93 17.16
C THR A 567 -19.29 -24.88 16.39
N ALA A 568 -19.08 -23.60 16.74
CA ALA A 568 -19.80 -22.55 16.05
C ALA A 568 -19.40 -22.47 14.58
N TRP A 569 -18.10 -22.54 14.32
CA TRP A 569 -17.61 -22.47 12.93
C TRP A 569 -18.12 -23.64 12.11
N LYS A 570 -18.16 -24.82 12.71
CA LYS A 570 -18.66 -25.99 11.99
C LYS A 570 -20.11 -25.81 11.61
N LYS A 571 -20.91 -25.24 12.51
CA LYS A 571 -22.32 -25.02 12.18
C LYS A 571 -22.47 -24.00 11.06
N THR A 572 -21.70 -22.90 11.12
CA THR A 572 -21.77 -21.93 10.04
C THR A 572 -21.41 -22.58 8.72
N LEU A 573 -20.32 -23.34 8.71
CA LEU A 573 -19.88 -24.01 7.49
C LEU A 573 -20.97 -24.94 6.96
N ALA A 574 -21.57 -25.73 7.84
CA ALA A 574 -22.60 -26.67 7.43
C ALA A 574 -23.83 -25.95 6.88
N ASP A 575 -24.05 -24.70 7.29
CA ASP A 575 -25.23 -23.95 6.90
C ASP A 575 -25.01 -23.01 5.71
N LEU A 576 -23.86 -23.11 5.04
CA LEU A 576 -23.61 -22.17 3.95
C LEU A 576 -24.46 -22.52 2.74
N PRO A 577 -24.98 -21.52 2.03
CA PRO A 577 -25.58 -21.79 0.74
C PRO A 577 -24.50 -22.15 -0.26
N PRO A 578 -24.86 -22.74 -1.40
CA PRO A 578 -23.82 -23.10 -2.38
C PRO A 578 -23.13 -21.86 -2.95
N LEU A 579 -21.90 -22.08 -3.38
CA LEU A 579 -21.17 -21.08 -4.16
C LEU A 579 -21.97 -20.75 -5.41
N PRO A 580 -22.21 -19.47 -5.68
CA PRO A 580 -23.09 -19.12 -6.81
C PRO A 580 -22.53 -19.58 -8.14
N ARG A 581 -23.34 -20.36 -8.84
CA ARG A 581 -23.03 -20.92 -10.15
C ARG A 581 -24.18 -20.69 -11.10
N GLY A 582 -23.87 -20.67 -12.39
CA GLY A 582 -24.89 -20.56 -13.42
C GLY A 582 -24.31 -20.73 -14.81
N LYS A 583 -24.88 -20.03 -15.78
CA LYS A 583 -24.43 -20.14 -17.15
C LYS A 583 -24.26 -18.76 -17.77
N THR A 584 -23.48 -18.71 -18.84
CA THR A 584 -23.27 -17.45 -19.53
C THR A 584 -24.59 -16.96 -20.14
N GLY A 585 -24.64 -15.65 -20.39
CA GLY A 585 -25.79 -14.99 -20.96
C GLY A 585 -25.34 -13.66 -21.56
N THR A 586 -26.23 -12.67 -21.57
CA THR A 586 -25.87 -11.35 -22.06
C THR A 586 -25.31 -10.52 -20.90
N GLY A 587 -24.11 -10.00 -21.09
CA GLY A 587 -23.45 -9.18 -20.12
C GLY A 587 -23.61 -7.69 -20.41
N ARG A 588 -22.66 -6.91 -19.92
CA ARG A 588 -22.71 -5.47 -20.10
C ARG A 588 -22.86 -5.15 -21.58
N ASN A 589 -23.55 -4.05 -21.87
CA ASN A 589 -23.81 -3.63 -23.25
C ASN A 589 -24.43 -4.77 -24.06
N ASN A 590 -25.17 -5.65 -23.38
CA ASN A 590 -25.85 -6.77 -24.03
C ASN A 590 -24.91 -7.64 -24.83
N THR A 591 -23.65 -7.70 -24.45
CA THR A 591 -22.71 -8.57 -25.15
C THR A 591 -23.01 -10.03 -24.82
N PRO A 592 -23.00 -10.91 -25.82
CA PRO A 592 -23.31 -12.31 -25.55
C PRO A 592 -22.10 -13.09 -25.04
N ASP A 593 -22.41 -14.24 -24.44
CA ASP A 593 -21.42 -15.20 -23.94
C ASP A 593 -20.59 -14.61 -22.80
N LYS A 594 -21.26 -13.86 -21.93
CA LYS A 594 -20.61 -13.21 -20.80
C LYS A 594 -21.25 -13.70 -19.49
N VAL A 595 -20.54 -13.43 -18.39
CA VAL A 595 -21.18 -13.44 -17.09
C VAL A 595 -22.40 -12.53 -17.23
N PRO A 596 -23.61 -13.04 -16.97
CA PRO A 596 -24.82 -12.24 -17.23
C PRO A 596 -24.87 -11.05 -16.30
N ILE A 597 -25.14 -9.86 -16.85
CA ILE A 597 -24.86 -8.71 -15.99
C ILE A 597 -26.06 -8.48 -15.08
N PRO A 598 -27.28 -8.50 -15.62
CA PRO A 598 -28.44 -8.81 -14.77
C PRO A 598 -28.41 -10.33 -14.60
N SER A 599 -28.47 -10.81 -13.34
CA SER A 599 -28.39 -12.24 -13.09
C SER A 599 -29.44 -13.04 -13.85
N THR A 600 -30.51 -12.40 -14.28
CA THR A 600 -31.60 -13.08 -14.94
C THR A 600 -31.39 -13.27 -16.43
N THR A 601 -30.23 -12.94 -16.99
CA THR A 601 -30.07 -13.11 -18.44
C THR A 601 -29.31 -14.38 -18.84
N GLN A 602 -29.11 -15.32 -17.94
CA GLN A 602 -28.47 -16.58 -18.31
C GLN A 602 -29.22 -17.24 -19.46
N LYS A 603 -28.47 -17.88 -20.35
CA LYS A 603 -29.02 -18.66 -21.45
C LYS A 603 -28.86 -20.16 -21.15
N ASP A 604 -29.91 -20.93 -21.43
CA ASP A 604 -29.90 -22.34 -21.04
C ASP A 604 -28.77 -23.11 -21.70
N ASP A 605 -28.29 -22.64 -22.85
CA ASP A 605 -27.17 -23.23 -23.57
C ASP A 605 -25.83 -22.59 -23.21
N GLY A 606 -25.81 -21.66 -22.27
CA GLY A 606 -24.57 -20.96 -21.95
C GLY A 606 -23.58 -21.86 -21.24
N ALA A 607 -22.31 -21.47 -21.30
CA ALA A 607 -21.28 -22.26 -20.64
C ALA A 607 -21.40 -22.14 -19.12
N PRO A 608 -21.10 -23.22 -18.39
CA PRO A 608 -21.18 -23.15 -16.92
C PRO A 608 -20.10 -22.23 -16.35
N ILE A 609 -20.50 -21.36 -15.42
CA ILE A 609 -19.62 -20.34 -14.87
C ILE A 609 -19.95 -20.11 -13.40
N LEU A 610 -19.00 -19.49 -12.71
CA LEU A 610 -19.29 -18.88 -11.42
C LEU A 610 -20.00 -17.54 -11.64
N LEU A 611 -20.84 -17.16 -10.67
CA LEU A 611 -21.59 -15.91 -10.72
C LEU A 611 -21.12 -14.99 -9.60
N PRO A 612 -21.24 -13.67 -9.77
CA PRO A 612 -20.89 -12.75 -8.67
C PRO A 612 -21.82 -12.84 -7.48
N ALA A 613 -23.03 -13.36 -7.67
CA ALA A 613 -23.97 -13.61 -6.58
C ALA A 613 -25.02 -14.54 -7.14
N GLN A 614 -25.80 -15.16 -6.25
CA GLN A 614 -26.94 -15.95 -6.70
C GLN A 614 -27.98 -15.04 -7.37
N VAL A 615 -28.20 -13.87 -6.81
CA VAL A 615 -29.10 -12.89 -7.39
C VAL A 615 -28.38 -11.55 -7.37
N TYR A 616 -28.48 -10.78 -8.47
CA TYR A 616 -27.87 -9.46 -8.56
C TYR A 616 -28.40 -8.69 -9.76
N GLY A 617 -28.32 -7.37 -9.68
CA GLY A 617 -28.84 -6.43 -10.68
C GLY A 617 -27.80 -5.97 -11.66
N THR A 618 -27.89 -4.70 -12.06
CA THR A 618 -26.91 -4.17 -13.01
C THR A 618 -25.67 -3.64 -12.29
N GLU A 619 -24.60 -3.46 -13.07
CA GLU A 619 -23.30 -3.15 -12.51
C GLU A 619 -23.21 -1.68 -12.10
N LYS A 620 -22.44 -1.42 -11.04
CA LYS A 620 -22.13 -0.05 -10.64
C LYS A 620 -20.63 0.18 -10.51
N ASN A 621 -19.81 -0.78 -10.95
CA ASN A 621 -18.37 -0.62 -10.99
C ASN A 621 -17.86 -1.64 -12.00
N VAL A 622 -16.56 -1.92 -11.98
CA VAL A 622 -15.99 -2.80 -12.99
C VAL A 622 -15.18 -3.95 -12.39
N GLU A 623 -15.60 -4.44 -11.22
CA GLU A 623 -15.06 -5.67 -10.67
C GLU A 623 -15.73 -6.89 -11.28
N ASN A 624 -14.99 -8.01 -11.29
CA ASN A 624 -15.48 -9.33 -11.68
C ASN A 624 -15.58 -10.20 -10.42
N PRO A 625 -16.54 -9.94 -9.53
CA PRO A 625 -16.47 -10.56 -8.21
C PRO A 625 -16.54 -12.07 -8.26
N GLU A 626 -17.15 -12.63 -9.31
CA GLU A 626 -17.23 -14.09 -9.43
C GLU A 626 -15.84 -14.73 -9.40
N GLU A 627 -14.79 -13.97 -9.66
CA GLU A 627 -13.46 -14.57 -9.69
C GLU A 627 -12.82 -14.71 -8.32
N TYR A 628 -13.51 -14.27 -7.25
CA TYR A 628 -12.98 -14.31 -5.87
C TYR A 628 -12.70 -15.78 -5.47
N ALA A 629 -13.44 -16.75 -6.03
CA ALA A 629 -13.19 -18.15 -5.70
C ALA A 629 -11.90 -18.68 -6.31
N ILE A 630 -11.31 -17.96 -7.26
CA ILE A 630 -10.00 -18.31 -7.80
C ILE A 630 -8.94 -17.57 -7.00
N PHE A 631 -9.00 -16.24 -6.99
CA PHE A 631 -8.13 -15.43 -6.14
C PHE A 631 -8.98 -14.41 -5.38
N PRO A 632 -8.82 -14.27 -4.07
CA PRO A 632 -7.75 -14.81 -3.22
C PRO A 632 -7.98 -16.19 -2.63
N TYR A 633 -9.12 -16.84 -2.87
CA TYR A 633 -9.50 -17.94 -2.00
C TYR A 633 -9.12 -19.33 -2.51
N ARG A 634 -8.54 -19.46 -3.70
CA ARG A 634 -7.90 -20.71 -4.15
C ARG A 634 -8.83 -21.93 -4.05
N LEU A 635 -10.11 -21.73 -4.35
CA LEU A 635 -11.05 -22.86 -4.47
C LEU A 635 -10.99 -23.50 -5.84
N PHE A 636 -10.60 -22.71 -6.85
CA PHE A 636 -10.39 -23.18 -8.21
C PHE A 636 -9.05 -22.65 -8.71
N GLY A 637 -8.51 -23.34 -9.69
CA GLY A 637 -7.23 -22.97 -10.26
C GLY A 637 -6.56 -24.21 -10.81
N VAL A 638 -5.39 -23.98 -11.40
CA VAL A 638 -4.59 -25.06 -11.94
C VAL A 638 -4.30 -26.04 -10.81
N GLY A 639 -4.48 -27.33 -11.11
CA GLY A 639 -4.26 -28.37 -10.13
C GLY A 639 -5.40 -28.61 -9.17
N LEU A 640 -6.55 -28.02 -9.41
CA LEU A 640 -7.73 -28.17 -8.58
C LEU A 640 -8.89 -28.61 -9.47
N PRO A 641 -9.92 -29.22 -8.87
CA PRO A 641 -11.06 -29.69 -9.67
C PRO A 641 -11.83 -28.55 -10.36
N GLU A 642 -12.52 -28.93 -11.45
CA GLU A 642 -13.38 -28.02 -12.24
C GLU A 642 -12.61 -26.83 -12.83
N ILE A 643 -11.42 -27.12 -13.35
CA ILE A 643 -10.62 -26.08 -13.99
C ILE A 643 -11.42 -25.42 -15.11
N ASP A 644 -12.22 -26.20 -15.84
CA ASP A 644 -12.97 -25.59 -16.93
C ASP A 644 -14.01 -24.60 -16.42
N LEU A 645 -14.61 -24.87 -15.26
CA LEU A 645 -15.47 -23.87 -14.64
C LEU A 645 -14.70 -22.56 -14.43
N GLY A 646 -13.51 -22.65 -13.86
CA GLY A 646 -12.73 -21.44 -13.64
C GLY A 646 -12.38 -20.73 -14.94
N LEU A 647 -11.97 -21.49 -15.95
CA LEU A 647 -11.57 -20.92 -17.24
C LEU A 647 -12.75 -20.26 -17.94
N ASN A 648 -13.90 -20.94 -17.99
CA ASN A 648 -15.09 -20.33 -18.57
C ASN A 648 -15.38 -19.00 -17.88
N THR A 649 -15.34 -18.99 -16.54
CA THR A 649 -15.64 -17.77 -15.80
C THR A 649 -14.71 -16.64 -16.22
N PHE A 650 -13.40 -16.92 -16.28
CA PHE A 650 -12.45 -15.89 -16.67
C PHE A 650 -12.72 -15.40 -18.10
N ARG A 651 -12.88 -16.33 -19.05
CA ARG A 651 -13.10 -15.93 -20.43
C ARG A 651 -14.37 -15.12 -20.59
N ALA A 652 -15.36 -15.33 -19.72
CA ALA A 652 -16.64 -14.64 -19.83
C ALA A 652 -16.69 -13.31 -19.07
N ARG A 653 -15.57 -12.86 -18.52
CA ARG A 653 -15.63 -11.67 -17.67
C ARG A 653 -16.06 -10.44 -18.46
N ASN A 654 -16.85 -9.60 -17.79
CA ASN A 654 -17.33 -8.38 -18.42
C ASN A 654 -16.28 -7.29 -18.45
N PHE A 655 -15.32 -7.30 -17.53
CA PHE A 655 -14.40 -6.18 -17.32
C PHE A 655 -12.95 -6.64 -17.48
N THR A 656 -12.21 -5.93 -18.33
CA THR A 656 -10.86 -6.35 -18.73
C THR A 656 -9.81 -5.22 -18.59
N ASP A 657 -10.03 -4.28 -17.69
CA ASP A 657 -9.02 -3.25 -17.43
C ASP A 657 -7.71 -3.90 -16.95
N SER A 658 -6.62 -3.16 -17.11
CA SER A 658 -5.28 -3.55 -16.68
C SER A 658 -4.65 -2.43 -15.86
N THR A 659 -3.76 -2.83 -14.93
CA THR A 659 -3.00 -1.97 -14.03
C THR A 659 -3.85 -1.39 -12.91
N GLY A 660 -3.19 -0.74 -11.94
CA GLY A 660 -3.93 -0.27 -10.76
C GLY A 660 -4.38 -1.44 -9.91
N TRP A 661 -5.63 -1.40 -9.47
CA TRP A 661 -6.16 -2.51 -8.67
C TRP A 661 -6.75 -3.65 -9.51
N ALA A 662 -6.74 -3.55 -10.84
CA ALA A 662 -7.26 -4.64 -11.67
C ALA A 662 -6.48 -5.92 -11.40
N TRP A 663 -7.20 -7.03 -11.16
CA TRP A 663 -6.53 -8.25 -10.70
C TRP A 663 -6.71 -9.43 -11.67
N ASP A 664 -7.14 -9.15 -12.90
CA ASP A 664 -7.28 -10.19 -13.93
C ASP A 664 -5.99 -11.00 -14.05
N GLY A 665 -4.85 -10.32 -14.00
CA GLY A 665 -3.57 -11.01 -14.19
C GLY A 665 -3.32 -12.06 -13.12
N ILE A 666 -3.70 -11.76 -11.88
CA ILE A 666 -3.53 -12.74 -10.82
C ILE A 666 -4.39 -13.96 -11.10
N VAL A 667 -5.66 -13.72 -11.47
CA VAL A 667 -6.56 -14.86 -11.76
C VAL A 667 -6.02 -15.68 -12.93
N ALA A 668 -5.50 -15.01 -13.96
CA ALA A 668 -4.94 -15.75 -15.10
C ALA A 668 -3.80 -16.64 -14.64
N ALA A 669 -2.91 -16.13 -13.79
CA ALA A 669 -1.83 -16.97 -13.28
C ALA A 669 -2.39 -18.16 -12.49
N CYS A 670 -3.40 -17.91 -11.65
CA CYS A 670 -3.98 -18.99 -10.87
C CYS A 670 -4.63 -20.05 -11.75
N LEU A 671 -5.02 -19.69 -12.98
CA LEU A 671 -5.63 -20.65 -13.89
C LEU A 671 -4.63 -21.29 -14.84
N GLY A 672 -3.34 -21.01 -14.68
CA GLY A 672 -2.32 -21.56 -15.55
C GLY A 672 -2.14 -20.87 -16.88
N LEU A 673 -2.74 -19.68 -17.07
CA LEU A 673 -2.74 -19.00 -18.37
C LEU A 673 -1.50 -18.13 -18.46
N SER A 674 -0.39 -18.74 -18.85
CA SER A 674 0.89 -18.02 -18.73
C SER A 674 0.94 -16.81 -19.64
N ASP A 675 0.38 -16.88 -20.84
CA ASP A 675 0.39 -15.74 -21.74
C ASP A 675 -0.41 -14.56 -21.19
N ASP A 676 -1.63 -14.83 -20.70
CA ASP A 676 -2.42 -13.77 -20.09
C ASP A 676 -1.68 -13.14 -18.92
N ALA A 677 -1.09 -13.98 -18.06
CA ALA A 677 -0.41 -13.48 -16.87
C ALA A 677 0.79 -12.63 -17.26
N LYS A 678 1.61 -13.14 -18.18
CA LYS A 678 2.76 -12.39 -18.64
C LYS A 678 2.36 -11.03 -19.17
N ARG A 679 1.29 -10.98 -19.99
CA ARG A 679 0.84 -9.71 -20.53
C ARG A 679 0.48 -8.74 -19.41
N GLU A 680 -0.23 -9.21 -18.40
CA GLU A 680 -0.64 -8.31 -17.32
C GLU A 680 0.55 -7.86 -16.47
N ALA A 681 1.50 -8.77 -16.22
CA ALA A 681 2.71 -8.39 -15.52
C ALA A 681 3.45 -7.29 -16.29
N ILE A 682 3.44 -7.39 -17.62
CA ILE A 682 4.16 -6.42 -18.45
C ILE A 682 3.45 -5.07 -18.43
N ARG A 683 2.11 -5.08 -18.39
CA ARG A 683 1.40 -3.81 -18.25
C ARG A 683 1.68 -3.15 -16.90
N ASN A 684 1.66 -3.92 -15.82
CA ASN A 684 1.84 -3.30 -14.50
C ASN A 684 3.29 -2.84 -14.28
N PHE A 685 4.26 -3.58 -14.81
CA PHE A 685 5.65 -3.44 -14.43
C PHE A 685 6.54 -2.99 -15.61
N ALA A 686 5.97 -2.81 -16.80
CA ALA A 686 6.76 -2.44 -17.97
C ALA A 686 5.85 -1.68 -18.93
N GLU A 687 5.94 -1.96 -20.22
CA GLU A 687 5.07 -1.35 -21.21
C GLU A 687 4.68 -2.43 -22.21
N ASP A 688 3.38 -2.57 -22.47
CA ASP A 688 2.87 -3.56 -23.41
C ASP A 688 2.78 -2.88 -24.77
N ARG A 689 3.72 -3.20 -25.64
CA ARG A 689 3.74 -2.68 -27.00
C ARG A 689 3.09 -3.63 -28.00
N ASN A 690 2.67 -4.82 -27.55
CA ASN A 690 2.12 -5.82 -28.47
C ASN A 690 0.87 -5.26 -29.14
N PRO A 691 0.72 -5.49 -30.44
CA PRO A 691 -0.35 -4.82 -31.20
C PRO A 691 -1.77 -5.13 -30.73
N ASP A 692 -2.15 -6.41 -30.66
CA ASP A 692 -3.53 -6.81 -30.37
C ASP A 692 -3.77 -6.72 -28.86
N THR A 693 -4.27 -5.58 -28.42
CA THR A 693 -4.41 -5.28 -27.00
C THR A 693 -5.80 -5.59 -26.43
N GLY A 694 -6.79 -5.87 -27.29
CA GLY A 694 -8.17 -5.87 -26.85
C GLY A 694 -8.63 -4.54 -26.28
N HIS A 695 -7.91 -3.47 -26.60
CA HIS A 695 -8.14 -2.17 -26.00
C HIS A 695 -7.86 -1.11 -27.05
N GLY A 696 -8.56 0.02 -26.93
CA GLY A 696 -8.42 1.12 -27.85
C GLY A 696 -7.00 1.62 -28.04
N PRO A 697 -6.84 2.60 -28.93
CA PRO A 697 -5.52 3.20 -29.15
C PRO A 697 -5.14 4.09 -27.98
N ASN A 698 -3.88 4.01 -27.55
CA ASN A 698 -3.37 4.80 -26.43
C ASN A 698 -4.12 4.48 -25.13
N TYR A 699 -4.49 3.22 -24.96
CA TYR A 699 -5.10 2.79 -23.71
C TYR A 699 -4.15 3.04 -22.54
N PRO A 700 -4.55 3.83 -21.55
CA PRO A 700 -3.63 4.12 -20.43
C PRO A 700 -3.19 2.87 -19.69
N GLY A 701 -3.96 1.77 -19.75
CA GLY A 701 -3.61 0.55 -19.07
C GLY A 701 -2.55 -0.28 -19.72
N LEU A 702 -1.87 0.21 -20.75
CA LEU A 702 -0.77 -0.57 -21.32
C LEU A 702 0.54 -0.43 -20.53
N SER A 703 0.63 0.53 -19.62
CA SER A 703 1.81 0.77 -18.81
C SER A 703 1.39 1.55 -17.58
N ALA A 704 1.98 1.25 -16.43
CA ALA A 704 1.65 1.95 -15.20
C ALA A 704 2.72 2.94 -14.77
N PHE A 705 3.78 3.13 -15.57
CA PHE A 705 4.86 4.05 -15.17
C PHE A 705 4.33 5.47 -15.00
N SER A 706 4.96 6.23 -14.13
CA SER A 706 4.53 7.59 -13.85
C SER A 706 4.48 8.39 -15.15
N ARG A 707 3.46 9.27 -15.22
CA ARG A 707 3.34 10.19 -16.35
C ARG A 707 4.47 11.21 -16.39
N GLU A 708 4.91 11.69 -15.22
CA GLU A 708 5.77 12.86 -15.17
C GLU A 708 6.94 12.73 -14.21
N ALA A 709 6.95 11.74 -13.33
CA ALA A 709 8.03 11.65 -12.36
C ALA A 709 9.23 10.97 -12.99
N ARG A 710 10.42 11.37 -12.55
CA ARG A 710 11.62 10.75 -13.09
C ARG A 710 11.76 9.31 -12.62
N PHE A 711 11.47 9.04 -11.35
CA PHE A 711 11.47 7.68 -10.77
C PHE A 711 10.20 7.03 -11.28
N LYS A 712 10.30 6.31 -12.40
CA LYS A 712 9.10 5.93 -13.13
C LYS A 712 8.23 4.90 -12.39
N TRP A 713 8.79 4.21 -11.41
CA TRP A 713 8.09 3.23 -10.59
C TRP A 713 7.16 3.88 -9.56
N PHE A 714 7.10 5.22 -9.51
CA PHE A 714 6.01 5.91 -8.81
C PHE A 714 4.74 5.71 -9.65
N TRP A 715 4.12 4.53 -9.47
CA TRP A 715 3.07 4.04 -10.37
C TRP A 715 1.93 5.05 -10.47
N LYS A 716 1.34 5.11 -11.63
CA LYS A 716 0.11 5.87 -11.75
C LYS A 716 -1.10 4.95 -11.54
N PRO A 717 -2.17 5.50 -11.01
CA PRO A 717 -3.39 4.68 -10.84
C PRO A 717 -3.91 4.18 -12.19
N GLY A 718 -4.47 2.97 -12.17
CA GLY A 718 -5.02 2.35 -13.35
C GLY A 718 -6.29 3.02 -13.83
N PRO A 719 -6.67 2.78 -15.08
CA PRO A 719 -7.88 3.44 -15.59
C PRO A 719 -9.13 3.12 -14.77
N SER A 720 -9.21 1.90 -14.19
CA SER A 720 -10.38 1.56 -13.38
C SER A 720 -10.44 2.34 -12.08
N SER A 721 -9.40 3.10 -11.74
CA SER A 721 -9.51 3.98 -10.58
C SER A 721 -10.19 5.30 -10.92
N GLY A 722 -10.60 5.49 -12.17
CA GLY A 722 -11.41 6.63 -12.51
C GLY A 722 -10.70 7.63 -13.39
N PRO A 723 -11.37 8.74 -13.69
CA PRO A 723 -10.93 9.56 -14.84
C PRO A 723 -9.63 10.31 -14.61
N GLY A 724 -9.40 10.81 -13.41
CA GLY A 724 -8.33 11.77 -13.20
C GLY A 724 -6.93 11.16 -13.19
N ASN A 725 -5.96 12.07 -13.11
CA ASN A 725 -4.61 11.71 -12.69
C ASN A 725 -4.66 11.56 -11.19
N GLY A 726 -4.33 10.42 -10.68
CA GLY A 726 -4.52 10.26 -9.26
C GLY A 726 -3.32 10.77 -8.50
N THR A 727 -2.89 9.99 -7.52
CA THR A 727 -1.69 10.28 -6.76
C THR A 727 -0.74 9.11 -6.91
N GLU A 728 0.55 9.44 -7.10
CA GLU A 728 1.67 8.53 -7.27
C GLU A 728 2.55 8.53 -6.04
N PRO A 729 3.08 7.39 -5.62
CA PRO A 729 2.91 6.06 -6.23
C PRO A 729 1.60 5.37 -5.86
N ALA A 730 0.94 4.78 -6.86
CA ALA A 730 -0.25 3.94 -6.67
C ALA A 730 0.25 2.54 -6.35
N LEU A 731 0.43 2.27 -5.06
CA LEU A 731 1.13 1.03 -4.69
C LEU A 731 0.27 -0.20 -4.89
N ASP A 732 -1.05 -0.04 -5.07
CA ASP A 732 -1.85 -1.21 -5.42
C ASP A 732 -1.42 -1.78 -6.76
N ASN A 733 -1.03 -0.91 -7.70
CA ASN A 733 -0.56 -1.40 -9.00
C ASN A 733 0.63 -2.33 -8.86
N GLY A 734 1.64 -1.88 -8.10
CA GLY A 734 2.84 -2.69 -7.91
C GLY A 734 2.59 -3.92 -7.07
N GLY A 735 1.62 -3.84 -6.14
CA GLY A 735 1.27 -5.03 -5.39
C GLY A 735 0.63 -6.11 -6.26
N VAL A 736 -0.31 -5.71 -7.11
CA VAL A 736 -0.86 -6.65 -8.09
C VAL A 736 0.26 -7.21 -8.94
N GLY A 737 1.17 -6.36 -9.43
CA GLY A 737 2.27 -6.85 -10.25
C GLY A 737 3.08 -7.92 -9.55
N GLN A 738 3.37 -7.70 -8.26
CA GLN A 738 4.10 -8.73 -7.52
C GLN A 738 3.29 -10.02 -7.41
N SER A 739 2.00 -9.90 -7.12
CA SER A 739 1.16 -11.11 -7.01
C SER A 739 1.14 -11.86 -8.34
N ILE A 740 1.13 -11.14 -9.46
CA ILE A 740 1.10 -11.82 -10.75
C ILE A 740 2.37 -12.63 -10.95
N LEU A 741 3.53 -11.96 -10.81
CA LEU A 741 4.81 -12.63 -11.06
C LEU A 741 5.02 -13.81 -10.10
N GLN A 742 4.77 -13.59 -8.80
CA GLN A 742 4.88 -14.68 -7.84
C GLN A 742 3.94 -15.84 -8.22
N SER A 743 2.69 -15.52 -8.57
CA SER A 743 1.72 -16.59 -8.82
C SER A 743 2.06 -17.34 -10.09
N MET A 744 2.75 -16.70 -11.02
CA MET A 744 3.25 -17.38 -12.20
C MET A 744 4.30 -18.40 -11.80
N LEU A 745 5.05 -18.12 -10.73
CA LEU A 745 6.12 -19.00 -10.31
C LEU A 745 5.71 -20.05 -9.28
N LEU A 746 4.81 -19.70 -8.35
CA LEU A 746 4.56 -20.53 -7.18
C LEU A 746 3.16 -20.32 -6.67
N GLN A 747 2.44 -21.43 -6.48
CA GLN A 747 1.13 -21.38 -5.85
C GLN A 747 0.99 -22.54 -4.88
N GLN A 748 0.27 -22.32 -3.80
CA GLN A 748 0.09 -23.35 -2.80
C GLN A 748 -1.25 -24.08 -2.98
N ARG A 749 -1.24 -25.37 -2.72
CA ARG A 749 -2.43 -26.22 -2.73
C ARG A 749 -2.40 -26.93 -1.37
N GLY A 750 -2.91 -26.25 -0.34
CA GLY A 750 -2.71 -26.69 1.04
C GLY A 750 -1.25 -26.92 1.33
N GLU A 751 -0.89 -28.16 1.67
CA GLU A 751 0.49 -28.48 1.99
C GLU A 751 1.41 -28.57 0.77
N LYS A 752 0.86 -28.64 -0.44
CA LYS A 752 1.67 -28.81 -1.64
C LYS A 752 2.08 -27.46 -2.21
N ILE A 753 3.24 -27.45 -2.87
CA ILE A 753 3.78 -26.25 -3.51
C ILE A 753 3.93 -26.53 -5.00
N VAL A 754 3.14 -25.85 -5.82
CA VAL A 754 3.17 -25.98 -7.26
C VAL A 754 4.09 -24.92 -7.84
N LEU A 755 5.16 -25.34 -8.48
CA LEU A 755 6.11 -24.46 -9.15
C LEU A 755 5.82 -24.36 -10.65
N PHE A 756 6.06 -23.17 -11.19
CA PHE A 756 5.80 -22.86 -12.59
C PHE A 756 4.38 -23.18 -13.03
N PRO A 757 3.37 -22.74 -12.28
CA PRO A 757 1.98 -22.94 -12.74
C PRO A 757 1.63 -22.13 -13.97
N ALA A 758 2.32 -21.01 -14.23
CA ALA A 758 1.98 -20.21 -15.41
C ALA A 758 3.17 -19.40 -15.87
N TRP A 759 4.26 -20.10 -16.20
CA TRP A 759 5.52 -19.45 -16.49
C TRP A 759 5.87 -19.56 -17.97
N PRO A 760 6.15 -18.44 -18.64
CA PRO A 760 6.52 -18.51 -20.05
C PRO A 760 7.96 -18.98 -20.25
N LYS A 761 8.14 -19.96 -21.15
CA LYS A 761 9.45 -20.57 -21.32
C LYS A 761 10.48 -19.57 -21.86
N GLU A 762 10.05 -18.54 -22.60
CA GLU A 762 11.02 -17.55 -23.10
C GLU A 762 11.74 -16.80 -21.98
N TRP A 763 11.30 -16.93 -20.74
CA TRP A 763 11.90 -16.19 -19.63
C TRP A 763 12.70 -17.14 -18.73
N ASN A 764 14.02 -16.98 -18.72
CA ASN A 764 14.81 -17.52 -17.64
C ASN A 764 14.44 -16.84 -16.33
N VAL A 765 14.57 -17.58 -15.24
CA VAL A 765 14.28 -16.98 -13.93
C VAL A 765 15.10 -17.65 -12.85
N SER A 766 15.60 -16.83 -11.94
CA SER A 766 16.20 -17.27 -10.70
C SER A 766 15.36 -16.68 -9.58
N PHE A 767 14.90 -17.52 -8.66
CA PHE A 767 13.99 -17.03 -7.65
C PHE A 767 14.25 -17.67 -6.29
N LYS A 768 13.81 -16.96 -5.27
CA LYS A 768 13.69 -17.47 -3.91
C LYS A 768 12.40 -16.92 -3.35
N LEU A 769 11.49 -17.81 -2.96
CA LEU A 769 10.19 -17.43 -2.45
C LEU A 769 9.85 -18.30 -1.23
N HIS A 770 8.92 -17.81 -0.43
CA HIS A 770 8.54 -18.45 0.82
C HIS A 770 7.18 -19.12 0.70
N ALA A 771 6.98 -20.14 1.54
CA ALA A 771 5.73 -20.85 1.61
C ALA A 771 5.50 -21.36 3.04
N ALA A 772 4.38 -22.08 3.21
CA ALA A 772 3.93 -22.56 4.51
C ALA A 772 5.02 -23.38 5.20
N ARG A 773 4.90 -23.43 6.53
CA ARG A 773 5.80 -24.22 7.38
C ARG A 773 7.24 -23.75 7.20
N ASN A 774 7.44 -22.45 7.31
CA ASN A 774 8.76 -21.84 7.29
C ASN A 774 9.61 -22.42 6.17
N THR A 775 9.02 -22.49 4.99
CA THR A 775 9.68 -23.13 3.86
C THR A 775 10.14 -22.07 2.88
N THR A 776 11.33 -22.25 2.32
CA THR A 776 11.75 -21.47 1.18
C THR A 776 12.02 -22.41 0.01
N VAL A 777 11.74 -21.91 -1.18
CA VAL A 777 12.03 -22.58 -2.44
C VAL A 777 12.90 -21.64 -3.27
N GLU A 778 14.06 -22.13 -3.66
CA GLU A 778 15.03 -21.38 -4.45
C GLU A 778 15.27 -22.17 -5.72
N GLY A 779 14.97 -21.56 -6.87
CA GLY A 779 15.00 -22.27 -8.13
C GLY A 779 15.63 -21.45 -9.24
N VAL A 780 16.10 -22.17 -10.25
CA VAL A 780 16.71 -21.55 -11.43
C VAL A 780 16.20 -22.29 -12.65
N LEU A 781 15.50 -21.57 -13.54
CA LEU A 781 15.02 -22.07 -14.81
C LEU A 781 15.80 -21.41 -15.93
N LYS A 782 16.39 -22.23 -16.79
CA LYS A 782 17.22 -21.78 -17.91
C LYS A 782 16.78 -22.52 -19.16
N ASN A 783 16.47 -21.74 -20.20
CA ASN A 783 16.04 -22.30 -21.48
C ASN A 783 14.92 -23.30 -21.28
N GLY A 784 13.96 -22.93 -20.42
CA GLY A 784 12.77 -23.73 -20.20
C GLY A 784 12.94 -24.93 -19.31
N LYS A 785 14.13 -25.15 -18.76
CA LYS A 785 14.44 -26.34 -17.99
C LYS A 785 14.85 -25.95 -16.58
N LEU A 786 14.33 -26.67 -15.60
CA LEU A 786 14.69 -26.40 -14.21
C LEU A 786 16.09 -26.94 -13.96
N GLU A 787 17.05 -26.05 -13.76
CA GLU A 787 18.43 -26.45 -13.61
C GLU A 787 18.82 -26.67 -12.16
N ARG A 788 18.15 -26.00 -11.23
CA ARG A 788 18.48 -26.10 -9.82
C ARG A 788 17.24 -25.84 -8.98
N LEU A 789 17.10 -26.59 -7.90
CA LEU A 789 15.99 -26.41 -6.98
C LEU A 789 16.48 -26.76 -5.58
N THR A 790 16.39 -25.81 -4.66
CA THR A 790 16.77 -26.02 -3.27
C THR A 790 15.58 -25.67 -2.39
N VAL A 791 15.09 -26.64 -1.63
CA VAL A 791 13.96 -26.46 -0.73
C VAL A 791 14.47 -26.53 0.70
N THR A 792 14.02 -25.59 1.53
CA THR A 792 14.43 -25.53 2.92
C THR A 792 13.18 -25.41 3.77
N PRO A 793 12.96 -26.30 4.74
CA PRO A 793 13.78 -27.47 5.10
C PRO A 793 13.71 -28.55 4.01
N PRO A 794 14.73 -29.40 3.96
CA PRO A 794 14.80 -30.40 2.87
C PRO A 794 13.63 -31.35 2.84
N GLU A 795 13.08 -31.71 4.00
CA GLU A 795 11.95 -32.64 3.99
C GLU A 795 10.75 -32.04 3.26
N ARG A 796 10.71 -30.73 3.07
CA ARG A 796 9.59 -30.18 2.34
C ARG A 796 9.73 -30.35 0.83
N ARG A 797 10.88 -30.83 0.34
CA ARG A 797 11.02 -31.04 -1.10
C ARG A 797 9.93 -31.99 -1.60
N GLY A 798 9.56 -32.97 -0.79
CA GLY A 798 8.53 -33.93 -1.15
C GLY A 798 7.16 -33.33 -1.36
N ASP A 799 6.95 -32.07 -0.99
CA ASP A 799 5.68 -31.40 -1.19
C ASP A 799 5.69 -30.46 -2.39
N VAL A 800 6.79 -30.42 -3.13
CA VAL A 800 6.90 -29.55 -4.29
C VAL A 800 6.48 -30.32 -5.53
N ILE A 801 5.59 -29.75 -6.31
CA ILE A 801 5.13 -30.27 -7.58
C ILE A 801 5.63 -29.31 -8.65
N VAL A 802 6.42 -29.82 -9.58
CA VAL A 802 7.06 -28.96 -10.58
C VAL A 802 6.29 -29.07 -11.87
N ARG A 803 5.67 -27.99 -12.30
CA ARG A 803 5.06 -27.96 -13.62
C ARG A 803 6.03 -27.39 -14.65
N GLU A 804 5.68 -27.61 -15.92
CA GLU A 804 6.51 -27.20 -17.05
C GLU A 804 6.22 -25.76 -17.46
N ALA A 805 7.27 -25.03 -17.83
CA ALA A 805 7.05 -23.73 -18.45
C ALA A 805 6.29 -23.92 -19.75
N GLN A 806 5.48 -22.94 -20.13
CA GLN A 806 4.61 -23.09 -21.30
C GLN A 806 5.10 -22.31 -22.51
#